data_4G4Y
#
_entry.id   4G4Y
#
_cell.length_a   58.090
_cell.length_b   98.490
_cell.length_c   98.060
_cell.angle_alpha   90.000
_cell.angle_beta   105.900
_cell.angle_gamma   90.000
#
_symmetry.space_group_name_H-M   'P 1 21 1'
#
loop_
_entity.id
_entity.type
_entity.pdbx_description
1 polymer 'Outer membrane protein Omp38'
2 non-polymer ALANINE
3 non-polymer 'SULFATE ION'
4 water water
#
_entity_poly.entity_id   1
_entity_poly.type   'polypeptide(L)'
_entity_poly.pdbx_seq_one_letter_code
;GSHMELTEDLNMELRVFFDTNKSNIKDQYKPEIAKVAEKLSEYPNATARIEGHTDNTGPRKLNERLSLARANSVKSALVN
EYNVDASRLSTQGFAWDQPIADNKTKEGRAMNRRVFATITGSR
;
_entity_poly.pdbx_strand_id   A,B,C,D,E,F,G,H
#
loop_
_chem_comp.id
_chem_comp.type
_chem_comp.name
_chem_comp.formula
SO4 non-polymer 'SULFATE ION' 'O4 S -2'
#
# COMPACT_ATOMS: atom_id res chain seq x y z
N MET A 4 15.48 -26.83 -28.62
CA MET A 4 16.10 -26.95 -27.28
C MET A 4 16.11 -25.60 -26.57
N GLU A 5 15.81 -24.56 -27.33
CA GLU A 5 15.75 -23.20 -26.78
C GLU A 5 14.30 -22.72 -26.95
N LEU A 6 13.67 -22.37 -25.84
CA LEU A 6 12.28 -21.93 -25.86
C LEU A 6 12.11 -20.68 -25.03
N THR A 7 11.56 -19.63 -25.64
CA THR A 7 11.33 -18.38 -24.94
C THR A 7 9.96 -17.84 -25.28
N GLU A 8 9.28 -17.33 -24.26
CA GLU A 8 7.98 -16.71 -24.43
C GLU A 8 8.15 -15.34 -23.79
N ASP A 9 7.90 -14.29 -24.55
CA ASP A 9 8.05 -12.93 -24.04
C ASP A 9 6.70 -12.30 -23.79
N LEU A 10 6.54 -11.76 -22.59
CA LEU A 10 5.30 -11.10 -22.19
C LEU A 10 5.44 -9.58 -22.30
N ASN A 11 4.42 -8.94 -22.87
CA ASN A 11 4.38 -7.49 -22.99
C ASN A 11 2.95 -7.13 -22.64
N MET A 12 2.79 -6.38 -21.57
CA MET A 12 1.46 -6.03 -21.12
C MET A 12 1.42 -4.57 -20.69
N GLU A 13 0.33 -3.89 -21.03
CA GLU A 13 0.18 -2.49 -20.65
C GLU A 13 -1.11 -2.30 -19.89
N LEU A 14 -1.00 -1.71 -18.70
CA LEU A 14 -2.14 -1.45 -17.84
C LEU A 14 -2.40 0.05 -17.71
N ARG A 15 -3.68 0.42 -17.71
CA ARG A 15 -4.04 1.83 -17.55
C ARG A 15 -5.10 1.93 -16.47
N VAL A 16 -4.83 2.76 -15.46
CA VAL A 16 -5.76 2.96 -14.37
C VAL A 16 -5.97 4.46 -14.25
N PHE A 17 -7.21 4.90 -14.10
CA PHE A 17 -7.48 6.32 -13.98
C PHE A 17 -8.08 6.65 -12.61
N PHE A 18 -7.87 7.89 -12.17
CA PHE A 18 -8.30 8.29 -10.85
C PHE A 18 -9.18 9.52 -10.76
N ASP A 19 -9.96 9.60 -9.68
CA ASP A 19 -10.81 10.76 -9.45
C ASP A 19 -9.93 11.87 -8.90
N THR A 20 -10.40 13.10 -9.02
CA THR A 20 -9.62 14.24 -8.54
C THR A 20 -9.18 14.08 -7.09
N ASN A 21 -7.90 14.32 -6.83
CA ASN A 21 -7.30 14.24 -5.51
C ASN A 21 -7.41 12.88 -4.82
N LYS A 22 -7.64 11.83 -5.61
CA LYS A 22 -7.76 10.49 -5.05
C LYS A 22 -6.72 9.54 -5.63
N SER A 23 -6.31 8.56 -4.83
CA SER A 23 -5.33 7.57 -5.27
C SER A 23 -5.88 6.15 -5.08
N ASN A 24 -7.17 6.04 -4.82
CA ASN A 24 -7.77 4.73 -4.62
C ASN A 24 -8.03 4.07 -5.98
N ILE A 25 -8.02 2.74 -5.98
CA ILE A 25 -8.27 1.98 -7.20
C ILE A 25 -9.77 1.74 -7.31
N LYS A 26 -10.38 2.33 -8.32
CA LYS A 26 -11.81 2.17 -8.52
C LYS A 26 -12.11 0.73 -8.92
N ASP A 27 -13.21 0.19 -8.41
CA ASP A 27 -13.59 -1.18 -8.66
C ASP A 27 -13.54 -1.65 -10.12
N GLN A 28 -13.85 -0.77 -11.07
CA GLN A 28 -13.83 -1.17 -12.47
C GLN A 28 -12.44 -1.49 -13.02
N TYR A 29 -11.41 -1.32 -12.19
CA TYR A 29 -10.05 -1.61 -12.64
C TYR A 29 -9.51 -2.89 -12.00
N LYS A 30 -10.25 -3.42 -11.04
CA LYS A 30 -9.85 -4.63 -10.34
C LYS A 30 -9.65 -5.79 -11.31
N PRO A 31 -10.57 -5.99 -12.26
CA PRO A 31 -10.42 -7.09 -13.21
C PRO A 31 -9.11 -7.01 -14.00
N GLU A 32 -8.74 -5.79 -14.38
CA GLU A 32 -7.51 -5.56 -15.14
C GLU A 32 -6.29 -5.87 -14.26
N ILE A 33 -6.31 -5.39 -13.03
CA ILE A 33 -5.21 -5.62 -12.11
C ILE A 33 -5.08 -7.11 -11.83
N ALA A 34 -6.22 -7.79 -11.74
CA ALA A 34 -6.20 -9.24 -11.49
C ALA A 34 -5.54 -9.95 -12.66
N LYS A 35 -5.77 -9.45 -13.87
CA LYS A 35 -5.19 -10.06 -15.06
C LYS A 35 -3.68 -9.88 -15.03
N VAL A 36 -3.23 -8.71 -14.58
CA VAL A 36 -1.81 -8.44 -14.49
C VAL A 36 -1.16 -9.37 -13.47
N ALA A 37 -1.81 -9.55 -12.32
CA ALA A 37 -1.28 -10.43 -11.30
C ALA A 37 -1.17 -11.85 -11.83
N GLU A 38 -2.16 -12.25 -12.61
CA GLU A 38 -2.17 -13.59 -13.20
C GLU A 38 -0.95 -13.81 -14.07
N LYS A 39 -0.65 -12.83 -14.94
CA LYS A 39 0.51 -12.94 -15.81
C LYS A 39 1.82 -12.85 -15.04
N LEU A 40 1.84 -12.07 -13.97
CA LEU A 40 3.06 -11.97 -13.17
C LEU A 40 3.33 -13.31 -12.50
N SER A 41 2.28 -14.11 -12.37
CA SER A 41 2.38 -15.43 -11.77
C SER A 41 2.83 -16.44 -12.84
N GLU A 42 2.29 -16.27 -14.05
CA GLU A 42 2.63 -17.16 -15.17
C GLU A 42 4.03 -16.87 -15.69
N TYR A 43 4.51 -15.66 -15.44
CA TYR A 43 5.85 -15.23 -15.84
C TYR A 43 6.53 -14.72 -14.57
N PRO A 44 6.94 -15.65 -13.69
CA PRO A 44 7.59 -15.31 -12.43
C PRO A 44 8.79 -14.36 -12.50
N ASN A 45 9.43 -14.26 -13.67
CA ASN A 45 10.58 -13.38 -13.79
C ASN A 45 10.21 -11.99 -14.32
N ALA A 46 8.96 -11.81 -14.73
CA ALA A 46 8.51 -10.53 -15.26
C ALA A 46 8.52 -9.46 -14.18
N THR A 47 8.67 -8.20 -14.61
CA THR A 47 8.67 -7.09 -13.67
C THR A 47 7.70 -6.05 -14.21
N ALA A 48 7.35 -5.09 -13.37
CA ALA A 48 6.43 -4.05 -13.81
C ALA A 48 6.97 -2.67 -13.50
N ARG A 49 6.80 -1.76 -14.46
CA ARG A 49 7.23 -0.37 -14.32
C ARG A 49 5.92 0.39 -14.18
N ILE A 50 5.64 0.86 -12.97
CA ILE A 50 4.41 1.57 -12.66
C ILE A 50 4.68 3.06 -12.51
N GLU A 51 3.99 3.87 -13.32
CA GLU A 51 4.20 5.31 -13.27
C GLU A 51 2.89 6.06 -13.06
N GLY A 52 2.88 6.93 -12.05
CA GLY A 52 1.69 7.70 -11.72
C GLY A 52 1.75 9.15 -12.18
N HIS A 53 0.59 9.73 -12.42
CA HIS A 53 0.51 11.10 -12.93
C HIS A 53 -0.70 11.83 -12.37
N THR A 54 -0.73 13.14 -12.59
CA THR A 54 -1.85 13.97 -12.14
C THR A 54 -2.17 14.98 -13.22
N ASP A 55 -3.31 15.66 -13.09
CA ASP A 55 -3.60 16.72 -14.03
C ASP A 55 -2.87 17.92 -13.42
N ASN A 56 -2.98 19.09 -14.03
CA ASN A 56 -2.23 20.25 -13.51
C ASN A 56 -2.95 21.14 -12.51
N THR A 57 -3.99 20.61 -11.87
CA THR A 57 -4.74 21.39 -10.89
C THR A 57 -4.15 21.27 -9.48
N GLY A 58 -4.03 22.40 -8.79
CA GLY A 58 -3.53 22.38 -7.43
C GLY A 58 -2.03 22.57 -7.23
N PRO A 59 -1.60 22.66 -5.96
CA PRO A 59 -0.20 22.85 -5.56
C PRO A 59 0.73 21.80 -6.15
N ARG A 60 1.94 22.23 -6.50
CA ARG A 60 2.92 21.32 -7.09
C ARG A 60 3.24 20.11 -6.21
N LYS A 61 3.53 20.34 -4.94
CA LYS A 61 3.87 19.24 -4.04
C LYS A 61 2.72 18.27 -3.83
N LEU A 62 1.50 18.78 -3.88
CA LEU A 62 0.32 17.94 -3.71
C LEU A 62 0.32 16.91 -4.85
N ASN A 63 0.65 17.39 -6.04
CA ASN A 63 0.67 16.53 -7.22
C ASN A 63 1.87 15.61 -7.29
N GLU A 64 3.01 16.05 -6.77
CA GLU A 64 4.16 15.17 -6.76
C GLU A 64 3.82 13.99 -5.87
N ARG A 65 3.28 14.29 -4.69
CA ARG A 65 2.89 13.25 -3.74
C ARG A 65 1.77 12.36 -4.27
N LEU A 66 0.75 12.97 -4.86
CA LEU A 66 -0.40 12.23 -5.38
C LEU A 66 -0.02 11.31 -6.53
N SER A 67 0.82 11.79 -7.42
CA SER A 67 1.21 10.97 -8.56
C SER A 67 1.92 9.71 -8.07
N LEU A 68 2.79 9.85 -7.06
CA LEU A 68 3.49 8.69 -6.52
C LEU A 68 2.53 7.81 -5.74
N ALA A 69 1.59 8.42 -5.02
CA ALA A 69 0.61 7.65 -4.26
C ALA A 69 -0.22 6.79 -5.20
N ARG A 70 -0.53 7.31 -6.39
CA ARG A 70 -1.30 6.55 -7.35
C ARG A 70 -0.52 5.33 -7.84
N ALA A 71 0.75 5.53 -8.15
CA ALA A 71 1.58 4.42 -8.59
C ALA A 71 1.68 3.41 -7.45
N ASN A 72 1.84 3.88 -6.22
CA ASN A 72 1.95 2.97 -5.09
C ASN A 72 0.65 2.25 -4.76
N SER A 73 -0.48 2.84 -5.13
CA SER A 73 -1.75 2.21 -4.88
C SER A 73 -1.86 0.98 -5.78
N VAL A 74 -1.42 1.11 -7.02
CA VAL A 74 -1.47 -0.01 -7.94
C VAL A 74 -0.51 -1.10 -7.47
N LYS A 75 0.68 -0.70 -7.04
CA LYS A 75 1.66 -1.67 -6.55
C LYS A 75 1.07 -2.36 -5.32
N SER A 76 0.48 -1.58 -4.44
CA SER A 76 -0.11 -2.12 -3.22
C SER A 76 -1.16 -3.19 -3.51
N ALA A 77 -2.00 -2.95 -4.52
CA ALA A 77 -3.04 -3.91 -4.88
C ALA A 77 -2.40 -5.24 -5.29
N LEU A 78 -1.35 -5.15 -6.10
CA LEU A 78 -0.66 -6.36 -6.56
C LEU A 78 0.05 -7.08 -5.42
N VAL A 79 0.70 -6.31 -4.55
CA VAL A 79 1.44 -6.85 -3.42
C VAL A 79 0.58 -7.46 -2.31
N ASN A 80 -0.46 -6.74 -1.90
CA ASN A 80 -1.30 -7.19 -0.80
C ASN A 80 -2.53 -8.03 -1.15
N GLU A 81 -3.08 -7.84 -2.35
CA GLU A 81 -4.25 -8.61 -2.73
C GLU A 81 -3.89 -9.83 -3.58
N TYR A 82 -2.75 -9.77 -4.25
CA TYR A 82 -2.33 -10.87 -5.11
C TYR A 82 -0.99 -11.49 -4.74
N ASN A 83 -0.44 -11.04 -3.61
CA ASN A 83 0.83 -11.57 -3.11
C ASN A 83 2.01 -11.54 -4.09
N VAL A 84 2.05 -10.50 -4.91
CA VAL A 84 3.14 -10.34 -5.85
C VAL A 84 4.33 -9.78 -5.08
N ASP A 85 5.52 -10.32 -5.34
CA ASP A 85 6.73 -9.85 -4.66
C ASP A 85 6.92 -8.37 -4.96
N ALA A 86 6.94 -7.55 -3.92
CA ALA A 86 7.09 -6.11 -4.08
C ALA A 86 8.32 -5.68 -4.87
N SER A 87 9.42 -6.41 -4.72
CA SER A 87 10.66 -6.05 -5.40
C SER A 87 10.59 -6.17 -6.92
N ARG A 88 9.54 -6.81 -7.42
CA ARG A 88 9.37 -6.99 -8.86
C ARG A 88 8.67 -5.78 -9.49
N LEU A 89 8.24 -4.84 -8.66
CA LEU A 89 7.49 -3.68 -9.15
C LEU A 89 8.12 -2.35 -8.77
N SER A 90 8.33 -1.48 -9.75
CA SER A 90 8.89 -0.16 -9.45
C SER A 90 7.77 0.86 -9.53
N THR A 91 7.88 1.93 -8.75
CA THR A 91 6.87 2.99 -8.77
C THR A 91 7.57 4.33 -8.84
N GLN A 92 6.95 5.26 -9.56
CA GLN A 92 7.49 6.60 -9.70
C GLN A 92 6.36 7.54 -10.07
N GLY A 93 6.40 8.75 -9.54
CA GLY A 93 5.37 9.73 -9.84
C GLY A 93 5.98 10.85 -10.68
N PHE A 94 5.19 11.42 -11.57
CA PHE A 94 5.67 12.48 -12.45
C PHE A 94 4.84 13.76 -12.35
N ALA A 95 4.04 13.87 -11.29
CA ALA A 95 3.19 15.03 -11.11
C ALA A 95 2.43 15.28 -12.41
N TRP A 96 2.38 16.55 -12.86
CA TRP A 96 1.68 16.89 -14.09
C TRP A 96 2.64 17.06 -15.28
N ASP A 97 3.86 16.58 -15.13
CA ASP A 97 4.87 16.75 -16.17
C ASP A 97 4.73 15.97 -17.49
N GLN A 98 3.96 14.89 -17.48
CA GLN A 98 3.80 14.08 -18.69
C GLN A 98 2.34 13.91 -19.07
N PRO A 99 1.67 14.99 -19.47
CA PRO A 99 0.28 14.88 -19.84
C PRO A 99 0.05 14.08 -21.12
N ILE A 100 -1.10 13.42 -21.22
CA ILE A 100 -1.45 12.68 -22.42
C ILE A 100 -2.74 13.28 -22.98
N ALA A 101 -3.22 14.33 -22.33
CA ALA A 101 -4.43 15.01 -22.77
C ALA A 101 -4.44 16.49 -22.40
N ASP A 102 -5.41 17.21 -22.94
CA ASP A 102 -5.55 18.64 -22.70
C ASP A 102 -6.05 18.96 -21.29
N ASN A 103 -5.21 19.63 -20.50
CA ASN A 103 -5.60 19.99 -19.14
C ASN A 103 -6.67 21.07 -19.09
N LYS A 104 -6.98 21.65 -20.25
CA LYS A 104 -7.98 22.70 -20.32
C LYS A 104 -9.42 22.19 -20.27
N THR A 105 -9.61 20.89 -20.40
CA THR A 105 -10.95 20.32 -20.35
C THR A 105 -11.06 19.29 -19.23
N LYS A 106 -12.26 19.07 -18.74
CA LYS A 106 -12.48 18.09 -17.69
C LYS A 106 -12.10 16.72 -18.21
N GLU A 107 -12.45 16.43 -19.45
CA GLU A 107 -12.14 15.13 -20.04
C GLU A 107 -10.64 14.91 -20.14
N GLY A 108 -9.91 15.94 -20.55
CA GLY A 108 -8.47 15.82 -20.67
C GLY A 108 -7.83 15.64 -19.31
N ARG A 109 -8.28 16.42 -18.32
CA ARG A 109 -7.71 16.30 -16.99
C ARG A 109 -7.96 14.90 -16.44
N ALA A 110 -9.11 14.32 -16.77
CA ALA A 110 -9.43 12.98 -16.29
C ALA A 110 -8.45 11.96 -16.89
N MET A 111 -8.07 12.18 -18.14
CA MET A 111 -7.13 11.28 -18.79
C MET A 111 -5.75 11.40 -18.17
N ASN A 112 -5.43 12.58 -17.66
CA ASN A 112 -4.12 12.80 -17.06
C ASN A 112 -3.97 12.22 -15.65
N ARG A 113 -5.07 12.05 -14.95
CA ARG A 113 -5.05 11.47 -13.59
C ARG A 113 -4.98 9.96 -13.84
N ARG A 114 -3.76 9.45 -13.93
CA ARG A 114 -3.60 8.05 -14.28
C ARG A 114 -2.34 7.39 -13.78
N VAL A 115 -2.34 6.07 -13.96
CA VAL A 115 -1.19 5.25 -13.68
C VAL A 115 -1.10 4.36 -14.91
N PHE A 116 0.07 4.36 -15.54
CA PHE A 116 0.32 3.51 -16.69
C PHE A 116 1.38 2.54 -16.21
N ALA A 117 1.17 1.25 -16.44
CA ALA A 117 2.16 0.28 -16.01
C ALA A 117 2.52 -0.62 -17.18
N THR A 118 3.82 -0.87 -17.33
CA THR A 118 4.30 -1.73 -18.39
C THR A 118 4.88 -2.95 -17.70
N ILE A 119 4.37 -4.12 -18.08
CA ILE A 119 4.84 -5.37 -17.50
C ILE A 119 5.53 -6.15 -18.60
N THR A 120 6.80 -6.50 -18.39
CA THR A 120 7.56 -7.24 -19.38
C THR A 120 8.40 -8.33 -18.76
N GLY A 121 8.77 -9.32 -19.57
CA GLY A 121 9.59 -10.40 -19.05
C GLY A 121 9.44 -11.64 -19.89
N SER A 122 10.26 -12.64 -19.61
CA SER A 122 10.22 -13.89 -20.38
C SER A 122 10.19 -15.11 -19.48
N ARG A 123 9.80 -16.24 -20.06
CA ARG A 123 9.77 -17.50 -19.35
C ARG A 123 10.19 -18.57 -20.35
N SER B 2 -16.75 29.38 12.67
CA SER B 2 -16.81 28.01 12.07
C SER B 2 -18.25 27.53 11.93
N HIS B 3 -18.59 27.01 10.75
CA HIS B 3 -19.93 26.52 10.48
C HIS B 3 -19.99 25.01 10.66
N MET B 4 -19.13 24.47 11.53
CA MET B 4 -19.11 23.03 11.73
C MET B 4 -18.84 22.59 13.16
N GLU B 5 -19.67 21.66 13.64
CA GLU B 5 -19.53 21.11 14.97
C GLU B 5 -19.18 19.64 14.75
N LEU B 6 -18.11 19.17 15.40
CA LEU B 6 -17.69 17.79 15.25
C LEU B 6 -17.19 17.21 16.56
N THR B 7 -17.78 16.09 16.97
CA THR B 7 -17.36 15.43 18.20
C THR B 7 -17.42 13.93 18.01
N GLU B 8 -16.45 13.25 18.61
CA GLU B 8 -16.38 11.79 18.57
C GLU B 8 -16.24 11.39 20.02
N ASP B 9 -17.15 10.52 20.49
CA ASP B 9 -17.12 10.08 21.88
C ASP B 9 -16.57 8.67 21.98
N LEU B 10 -15.56 8.50 22.82
CA LEU B 10 -14.93 7.21 23.03
C LEU B 10 -15.44 6.54 24.30
N ASN B 11 -15.73 5.25 24.19
CA ASN B 11 -16.18 4.46 25.33
C ASN B 11 -15.50 3.11 25.21
N MET B 12 -14.68 2.78 26.20
CA MET B 12 -13.98 1.50 26.19
C MET B 12 -14.06 0.84 27.54
N GLU B 13 -14.11 -0.49 27.53
CA GLU B 13 -14.11 -1.25 28.76
C GLU B 13 -13.06 -2.34 28.60
N LEU B 14 -12.08 -2.30 29.48
CA LEU B 14 -11.00 -3.29 29.49
C LEU B 14 -11.25 -4.19 30.69
N ARG B 15 -11.17 -5.49 30.48
CA ARG B 15 -11.39 -6.45 31.55
C ARG B 15 -10.16 -7.35 31.67
N VAL B 16 -9.53 -7.31 32.84
CA VAL B 16 -8.34 -8.12 33.10
C VAL B 16 -8.65 -9.01 34.29
N PHE B 17 -8.35 -10.30 34.16
CA PHE B 17 -8.60 -11.24 35.25
C PHE B 17 -7.30 -11.75 35.86
N PHE B 18 -7.37 -12.11 37.14
CA PHE B 18 -6.19 -12.54 37.86
C PHE B 18 -6.32 -13.91 38.52
N ASP B 19 -5.17 -14.53 38.78
CA ASP B 19 -5.13 -15.82 39.46
C ASP B 19 -5.27 -15.52 40.94
N THR B 20 -5.63 -16.52 41.73
CA THR B 20 -5.82 -16.33 43.16
C THR B 20 -4.62 -15.67 43.86
N ASN B 21 -4.90 -14.63 44.64
CA ASN B 21 -3.90 -13.89 45.40
C ASN B 21 -2.80 -13.22 44.58
N LYS B 22 -3.03 -13.09 43.27
CA LYS B 22 -2.04 -12.47 42.40
C LYS B 22 -2.54 -11.16 41.81
N SER B 23 -1.62 -10.22 41.62
CA SER B 23 -1.97 -8.91 41.06
C SER B 23 -1.17 -8.57 39.81
N ASN B 24 -0.45 -9.55 39.27
CA ASN B 24 0.33 -9.34 38.07
C ASN B 24 -0.56 -9.48 36.84
N ILE B 25 -0.24 -8.73 35.79
CA ILE B 25 -1.02 -8.78 34.56
C ILE B 25 -0.45 -9.86 33.64
N LYS B 26 -1.28 -10.85 33.30
CA LYS B 26 -0.83 -11.92 32.42
C LYS B 26 -0.55 -11.36 31.03
N ASP B 27 0.50 -11.84 30.38
CA ASP B 27 0.85 -11.34 29.05
C ASP B 27 -0.30 -11.44 28.05
N GLN B 28 -1.25 -12.34 28.29
CA GLN B 28 -2.36 -12.49 27.37
C GLN B 28 -3.21 -11.22 27.25
N TYR B 29 -3.09 -10.34 28.24
CA TYR B 29 -3.86 -9.09 28.24
C TYR B 29 -3.11 -7.91 27.65
N LYS B 30 -1.85 -8.09 27.31
CA LYS B 30 -1.06 -6.99 26.76
C LYS B 30 -1.64 -6.39 25.48
N PRO B 31 -2.16 -7.22 24.57
CA PRO B 31 -2.71 -6.61 23.35
C PRO B 31 -3.87 -5.66 23.65
N GLU B 32 -4.75 -6.06 24.56
CA GLU B 32 -5.89 -5.22 24.90
C GLU B 32 -5.45 -3.93 25.60
N ILE B 33 -4.43 -4.05 26.45
CA ILE B 33 -3.92 -2.88 27.16
C ILE B 33 -3.29 -1.93 26.15
N ALA B 34 -2.62 -2.49 25.15
CA ALA B 34 -1.98 -1.68 24.11
C ALA B 34 -3.04 -0.94 23.31
N LYS B 35 -4.18 -1.60 23.09
CA LYS B 35 -5.27 -1.00 22.34
C LYS B 35 -5.83 0.18 23.12
N VAL B 36 -5.91 0.03 24.44
CA VAL B 36 -6.39 1.11 25.29
C VAL B 36 -5.43 2.29 25.18
N ALA B 37 -4.13 2.00 25.26
CA ALA B 37 -3.11 3.03 25.17
C ALA B 37 -3.22 3.75 23.82
N GLU B 38 -3.47 2.99 22.76
CA GLU B 38 -3.59 3.58 21.43
C GLU B 38 -4.73 4.59 21.41
N LYS B 39 -5.88 4.19 21.93
CA LYS B 39 -7.05 5.07 21.96
C LYS B 39 -6.85 6.25 22.89
N LEU B 40 -6.06 6.08 23.95
CA LEU B 40 -5.80 7.18 24.87
C LEU B 40 -4.93 8.21 24.18
N SER B 41 -4.19 7.78 23.16
CA SER B 41 -3.34 8.69 22.41
C SER B 41 -4.21 9.38 21.35
N GLU B 42 -5.15 8.65 20.78
CA GLU B 42 -6.05 9.19 19.76
C GLU B 42 -7.07 10.16 20.36
N TYR B 43 -7.41 9.95 21.62
CA TYR B 43 -8.34 10.82 22.36
C TYR B 43 -7.54 11.31 23.55
N PRO B 44 -6.61 12.24 23.32
CA PRO B 44 -5.74 12.82 24.35
C PRO B 44 -6.38 13.33 25.63
N ASN B 45 -7.66 13.67 25.58
CA ASN B 45 -8.33 14.17 26.78
C ASN B 45 -9.10 13.08 27.51
N ALA B 46 -9.08 11.87 26.96
CA ALA B 46 -9.80 10.76 27.58
C ALA B 46 -9.15 10.40 28.92
N THR B 47 -9.95 9.85 29.82
CA THR B 47 -9.45 9.43 31.12
C THR B 47 -9.92 8.01 31.38
N ALA B 48 -9.31 7.35 32.36
CA ALA B 48 -9.67 5.98 32.68
C ALA B 48 -9.95 5.78 34.16
N ARG B 49 -11.06 5.08 34.43
CA ARG B 49 -11.48 4.76 35.80
C ARG B 49 -11.14 3.28 35.94
N ILE B 50 -10.06 2.99 36.65
CA ILE B 50 -9.60 1.61 36.83
C ILE B 50 -10.06 1.10 38.19
N GLU B 51 -10.81 -0.01 38.20
CA GLU B 51 -11.33 -0.55 39.45
C GLU B 51 -10.97 -2.02 39.63
N GLY B 52 -10.30 -2.31 40.75
CA GLY B 52 -9.85 -3.66 41.04
C GLY B 52 -10.77 -4.37 42.03
N HIS B 53 -10.85 -5.69 41.89
CA HIS B 53 -11.73 -6.52 42.73
C HIS B 53 -11.07 -7.83 43.11
N THR B 54 -11.69 -8.54 44.06
CA THR B 54 -11.18 -9.84 44.49
C THR B 54 -12.38 -10.74 44.70
N ASP B 55 -12.15 -12.04 44.85
CA ASP B 55 -13.27 -12.92 45.16
C ASP B 55 -13.39 -12.77 46.68
N ASN B 56 -14.33 -13.47 47.30
CA ASN B 56 -14.49 -13.32 48.75
C ASN B 56 -13.72 -14.30 49.61
N THR B 57 -12.66 -14.88 49.06
CA THR B 57 -11.83 -15.83 49.79
C THR B 57 -10.73 -15.07 50.54
N GLY B 58 -10.59 -15.34 51.84
CA GLY B 58 -9.54 -14.69 52.60
C GLY B 58 -9.93 -13.50 53.45
N PRO B 59 -8.97 -12.92 54.19
CA PRO B 59 -9.15 -11.76 55.07
C PRO B 59 -9.58 -10.50 54.34
N ARG B 60 -10.31 -9.65 55.05
CA ARG B 60 -10.82 -8.40 54.49
C ARG B 60 -9.73 -7.41 54.06
N LYS B 61 -8.89 -7.01 55.01
CA LYS B 61 -7.83 -6.05 54.74
C LYS B 61 -6.89 -6.52 53.62
N LEU B 62 -6.56 -7.81 53.64
CA LEU B 62 -5.68 -8.36 52.62
C LEU B 62 -6.30 -8.18 51.23
N ASN B 63 -7.59 -8.44 51.14
CA ASN B 63 -8.29 -8.31 49.87
C ASN B 63 -8.53 -6.86 49.47
N GLU B 64 -8.65 -5.96 50.45
CA GLU B 64 -8.81 -4.55 50.10
C GLU B 64 -7.52 -4.15 49.40
N ARG B 65 -6.39 -4.54 49.99
CA ARG B 65 -5.09 -4.22 49.42
C ARG B 65 -4.87 -4.89 48.06
N LEU B 66 -5.28 -6.15 47.95
CA LEU B 66 -5.12 -6.89 46.70
C LEU B 66 -5.95 -6.27 45.57
N SER B 67 -7.17 -5.86 45.88
CA SER B 67 -8.02 -5.26 44.85
C SER B 67 -7.37 -3.97 44.33
N LEU B 68 -6.80 -3.18 45.23
CA LEU B 68 -6.15 -1.93 44.81
C LEU B 68 -4.86 -2.22 44.04
N ALA B 69 -4.12 -3.24 44.48
CA ALA B 69 -2.87 -3.61 43.82
C ALA B 69 -3.15 -4.02 42.38
N ARG B 70 -4.28 -4.71 42.17
CA ARG B 70 -4.66 -5.14 40.83
C ARG B 70 -4.94 -3.93 39.94
N ALA B 71 -5.68 -2.96 40.48
CA ALA B 71 -5.98 -1.76 39.71
C ALA B 71 -4.70 -1.01 39.39
N ASN B 72 -3.82 -0.91 40.39
CA ASN B 72 -2.56 -0.20 40.17
C ASN B 72 -1.64 -0.89 39.19
N SER B 73 -1.79 -2.21 39.06
CA SER B 73 -0.96 -2.95 38.11
C SER B 73 -1.34 -2.53 36.70
N VAL B 74 -2.64 -2.35 36.47
CA VAL B 74 -3.10 -1.93 35.16
C VAL B 74 -2.66 -0.50 34.88
N LYS B 75 -2.75 0.37 35.88
CA LYS B 75 -2.33 1.75 35.69
C LYS B 75 -0.82 1.78 35.43
N SER B 76 -0.08 0.97 36.18
CA SER B 76 1.37 0.92 36.02
C SER B 76 1.78 0.52 34.60
N ALA B 77 1.05 -0.44 34.03
CA ALA B 77 1.35 -0.89 32.67
C ALA B 77 1.17 0.27 31.70
N LEU B 78 0.05 0.97 31.82
CA LEU B 78 -0.24 2.10 30.94
C LEU B 78 0.80 3.21 31.09
N VAL B 79 1.14 3.53 32.33
CA VAL B 79 2.09 4.59 32.61
C VAL B 79 3.52 4.26 32.21
N ASN B 80 4.00 3.11 32.65
CA ASN B 80 5.39 2.72 32.38
C ASN B 80 5.68 2.06 31.03
N GLU B 81 4.72 1.30 30.50
CA GLU B 81 4.93 0.63 29.23
C GLU B 81 4.39 1.41 28.03
N TYR B 82 3.42 2.28 28.26
CA TYR B 82 2.83 3.05 27.16
C TYR B 82 2.95 4.56 27.30
N ASN B 83 3.66 5.00 28.32
CA ASN B 83 3.89 6.42 28.56
C ASN B 83 2.63 7.26 28.69
N VAL B 84 1.59 6.69 29.27
CA VAL B 84 0.35 7.45 29.47
C VAL B 84 0.53 8.29 30.74
N ASP B 85 0.05 9.53 30.70
CA ASP B 85 0.17 10.42 31.86
C ASP B 85 -0.61 9.82 33.02
N ALA B 86 0.07 9.59 34.14
CA ALA B 86 -0.54 9.00 35.32
C ALA B 86 -1.78 9.75 35.80
N SER B 87 -1.80 11.06 35.63
CA SER B 87 -2.92 11.88 36.09
C SER B 87 -4.23 11.64 35.33
N ARG B 88 -4.17 10.94 34.20
CA ARG B 88 -5.37 10.66 33.41
C ARG B 88 -6.03 9.38 33.88
N LEU B 89 -5.39 8.70 34.83
CA LEU B 89 -5.89 7.42 35.31
C LEU B 89 -6.14 7.35 36.82
N SER B 90 -7.31 6.88 37.20
CA SER B 90 -7.61 6.74 38.62
C SER B 90 -7.66 5.25 38.93
N THR B 91 -7.31 4.90 40.17
CA THR B 91 -7.36 3.51 40.59
C THR B 91 -8.08 3.42 41.92
N GLN B 92 -8.85 2.35 42.09
CA GLN B 92 -9.59 2.12 43.32
C GLN B 92 -9.84 0.63 43.46
N GLY B 93 -9.76 0.16 44.70
CA GLY B 93 -9.99 -1.25 44.98
C GLY B 93 -11.29 -1.38 45.73
N PHE B 94 -12.06 -2.43 45.42
CA PHE B 94 -13.35 -2.65 46.06
C PHE B 94 -13.43 -3.99 46.79
N ALA B 95 -12.28 -4.63 46.99
CA ALA B 95 -12.26 -5.92 47.67
C ALA B 95 -13.28 -6.82 46.98
N TRP B 96 -14.10 -7.52 47.77
CA TRP B 96 -15.11 -8.43 47.25
C TRP B 96 -16.52 -7.82 47.26
N ASP B 97 -16.59 -6.51 47.46
CA ASP B 97 -17.88 -5.82 47.56
C ASP B 97 -18.72 -5.73 46.29
N GLN B 98 -18.09 -5.86 45.13
CA GLN B 98 -18.82 -5.77 43.87
C GLN B 98 -18.63 -6.99 42.99
N PRO B 99 -19.18 -8.15 43.41
CA PRO B 99 -19.03 -9.35 42.60
C PRO B 99 -19.87 -9.29 41.32
N ILE B 100 -19.41 -9.95 40.27
CA ILE B 100 -20.16 -10.00 39.03
C ILE B 100 -20.58 -11.44 38.79
N ALA B 101 -20.09 -12.34 39.64
CA ALA B 101 -20.41 -13.76 39.54
C ALA B 101 -20.57 -14.36 40.93
N ASP B 102 -21.06 -15.60 40.98
CA ASP B 102 -21.26 -16.29 42.26
C ASP B 102 -19.96 -16.84 42.84
N ASN B 103 -19.60 -16.33 44.02
CA ASN B 103 -18.38 -16.75 44.71
C ASN B 103 -18.43 -18.21 45.18
N LYS B 104 -19.58 -18.85 45.01
CA LYS B 104 -19.73 -20.24 45.43
C LYS B 104 -19.19 -21.24 44.41
N THR B 105 -18.94 -20.77 43.19
CA THR B 105 -18.41 -21.64 42.14
C THR B 105 -17.00 -21.19 41.77
N LYS B 106 -16.18 -22.16 41.36
CA LYS B 106 -14.81 -21.86 40.97
C LYS B 106 -14.80 -20.86 39.80
N GLU B 107 -15.75 -21.04 38.88
CA GLU B 107 -15.86 -20.15 37.73
C GLU B 107 -16.24 -18.75 38.17
N GLY B 108 -17.14 -18.68 39.15
CA GLY B 108 -17.59 -17.39 39.65
C GLY B 108 -16.49 -16.61 40.33
N ARG B 109 -15.72 -17.29 41.17
CA ARG B 109 -14.61 -16.63 41.86
C ARG B 109 -13.59 -16.13 40.85
N ALA B 110 -13.35 -16.91 39.79
CA ALA B 110 -12.39 -16.52 38.77
C ALA B 110 -12.85 -15.23 38.11
N MET B 111 -14.16 -15.13 37.88
CA MET B 111 -14.74 -13.94 37.26
C MET B 111 -14.60 -12.70 38.14
N ASN B 112 -14.69 -12.90 39.45
CA ASN B 112 -14.60 -11.80 40.40
C ASN B 112 -13.20 -11.23 40.61
N ARG B 113 -12.17 -12.05 40.42
CA ARG B 113 -10.79 -11.60 40.55
C ARG B 113 -10.51 -10.84 39.27
N ARG B 114 -10.75 -9.54 39.29
CA ARG B 114 -10.63 -8.77 38.07
C ARG B 114 -10.36 -7.29 38.27
N VAL B 115 -10.11 -6.63 37.14
CA VAL B 115 -9.95 -5.19 37.10
C VAL B 115 -10.75 -4.80 35.87
N PHE B 116 -11.65 -3.84 36.04
CA PHE B 116 -12.43 -3.35 34.93
C PHE B 116 -12.01 -1.90 34.78
N ALA B 117 -11.52 -1.55 33.59
CA ALA B 117 -11.09 -0.18 33.32
C ALA B 117 -12.07 0.43 32.33
N THR B 118 -12.66 1.55 32.72
CA THR B 118 -13.63 2.23 31.87
C THR B 118 -13.00 3.50 31.32
N ILE B 119 -12.83 3.55 30.00
CA ILE B 119 -12.22 4.70 29.36
C ILE B 119 -13.29 5.54 28.69
N THR B 120 -13.30 6.84 28.99
CA THR B 120 -14.28 7.74 28.41
C THR B 120 -13.59 9.04 27.99
N GLY B 121 -14.14 9.69 26.97
CA GLY B 121 -13.55 10.93 26.51
C GLY B 121 -14.03 11.28 25.13
N SER B 122 -13.77 12.50 24.71
CA SER B 122 -14.17 12.95 23.38
C SER B 122 -13.05 13.73 22.74
N ARG B 123 -13.16 13.92 21.43
CA ARG B 123 -12.19 14.69 20.67
C ARG B 123 -12.96 15.44 19.59
N MET C 4 -6.52 -2.85 -21.81
CA MET C 4 -5.47 -3.87 -21.53
C MET C 4 -4.82 -4.45 -22.79
N GLU C 5 -3.62 -3.96 -23.09
CA GLU C 5 -2.85 -4.45 -24.23
C GLU C 5 -2.07 -5.61 -23.65
N LEU C 6 -2.16 -6.78 -24.28
CA LEU C 6 -1.46 -7.95 -23.78
C LEU C 6 -1.07 -8.86 -24.91
N THR C 7 0.22 -9.19 -24.98
CA THR C 7 0.71 -10.10 -26.01
C THR C 7 1.81 -11.00 -25.46
N GLU C 8 1.90 -12.18 -26.05
CA GLU C 8 2.93 -13.14 -25.67
C GLU C 8 3.56 -13.56 -26.98
N ASP C 9 4.88 -13.46 -27.07
CA ASP C 9 5.60 -13.82 -28.28
C ASP C 9 6.40 -15.09 -28.07
N LEU C 10 6.24 -16.02 -29.00
CA LEU C 10 6.94 -17.29 -28.97
C LEU C 10 8.16 -17.29 -29.87
N ASN C 11 9.28 -17.77 -29.33
CA ASN C 11 10.52 -17.88 -30.10
C ASN C 11 11.16 -19.19 -29.65
N MET C 12 11.25 -20.14 -30.56
CA MET C 12 11.83 -21.43 -30.27
C MET C 12 12.88 -21.81 -31.27
N GLU C 13 13.88 -22.56 -30.82
CA GLU C 13 14.90 -23.06 -31.72
C GLU C 13 15.07 -24.53 -31.36
N LEU C 14 14.88 -25.37 -32.37
CA LEU C 14 15.02 -26.81 -32.21
C LEU C 14 16.28 -27.22 -32.96
N ARG C 15 17.09 -28.09 -32.36
CA ARG C 15 18.31 -28.56 -32.99
C ARG C 15 18.29 -30.08 -32.97
N VAL C 16 18.27 -30.68 -34.16
CA VAL C 16 18.25 -32.13 -34.30
C VAL C 16 19.53 -32.53 -35.04
N PHE C 17 20.18 -33.59 -34.58
CA PHE C 17 21.43 -34.04 -35.21
C PHE C 17 21.27 -35.41 -35.84
N PHE C 18 22.05 -35.64 -36.89
CA PHE C 18 21.97 -36.88 -37.64
C PHE C 18 23.28 -37.63 -37.81
N ASP C 19 23.17 -38.95 -37.99
CA ASP C 19 24.35 -39.77 -38.22
C ASP C 19 24.67 -39.69 -39.70
N THR C 20 25.88 -40.13 -40.06
CA THR C 20 26.33 -40.10 -41.45
C THR C 20 25.32 -40.69 -42.43
N ASN C 21 25.00 -39.91 -43.46
CA ASN C 21 24.08 -40.30 -44.51
C ASN C 21 22.67 -40.65 -44.06
N LYS C 22 22.32 -40.32 -42.81
CA LYS C 22 21.00 -40.63 -42.30
C LYS C 22 20.11 -39.40 -42.18
N SER C 23 18.82 -39.59 -42.35
CA SER C 23 17.85 -38.51 -42.27
C SER C 23 16.70 -38.87 -41.34
N ASN C 24 16.87 -39.94 -40.57
CA ASN C 24 15.85 -40.37 -39.63
C ASN C 24 15.96 -39.54 -38.35
N ILE C 25 14.85 -39.43 -37.62
CA ILE C 25 14.85 -38.68 -36.37
C ILE C 25 15.15 -39.69 -35.25
N LYS C 26 16.30 -39.54 -34.59
CA LYS C 26 16.66 -40.43 -33.50
C LYS C 26 15.65 -40.28 -32.38
N ASP C 27 15.36 -41.38 -31.69
CA ASP C 27 14.38 -41.37 -30.61
C ASP C 27 14.64 -40.31 -29.54
N GLN C 28 15.91 -40.01 -29.28
CA GLN C 28 16.24 -39.02 -28.27
C GLN C 28 15.71 -37.63 -28.58
N TYR C 29 15.36 -37.37 -29.84
CA TYR C 29 14.85 -36.06 -30.23
C TYR C 29 13.33 -35.97 -30.20
N LYS C 30 12.67 -37.10 -29.96
CA LYS C 30 11.21 -37.08 -29.92
C LYS C 30 10.63 -36.12 -28.88
N PRO C 31 11.23 -36.06 -27.68
CA PRO C 31 10.67 -35.13 -26.68
C PRO C 31 10.69 -33.67 -27.14
N GLU C 32 11.74 -33.27 -27.83
CA GLU C 32 11.83 -31.88 -28.28
C GLU C 32 10.86 -31.60 -29.42
N ILE C 33 10.63 -32.59 -30.28
CA ILE C 33 9.68 -32.40 -31.37
C ILE C 33 8.28 -32.32 -30.76
N ALA C 34 8.04 -33.10 -29.71
CA ALA C 34 6.75 -33.08 -29.03
C ALA C 34 6.52 -31.69 -28.44
N LYS C 35 7.58 -31.09 -27.91
CA LYS C 35 7.46 -29.76 -27.32
C LYS C 35 7.15 -28.72 -28.39
N VAL C 36 7.78 -28.87 -29.55
CA VAL C 36 7.53 -27.94 -30.64
C VAL C 36 6.05 -28.02 -31.02
N ALA C 37 5.55 -29.25 -31.18
CA ALA C 37 4.15 -29.45 -31.52
C ALA C 37 3.24 -28.80 -30.49
N GLU C 38 3.61 -28.95 -29.22
CA GLU C 38 2.82 -28.34 -28.15
C GLU C 38 2.72 -26.83 -28.33
N LYS C 39 3.85 -26.17 -28.54
CA LYS C 39 3.85 -24.73 -28.71
C LYS C 39 3.14 -24.27 -30.00
N LEU C 40 3.19 -25.10 -31.04
CA LEU C 40 2.52 -24.74 -32.28
C LEU C 40 1.01 -24.75 -32.08
N SER C 41 0.55 -25.51 -31.09
CA SER C 41 -0.88 -25.56 -30.80
C SER C 41 -1.23 -24.42 -29.84
N GLU C 42 -0.31 -24.10 -28.92
CA GLU C 42 -0.54 -23.02 -27.96
C GLU C 42 -0.50 -21.65 -28.62
N TYR C 43 0.22 -21.56 -29.74
CA TYR C 43 0.35 -20.33 -30.52
C TYR C 43 -0.10 -20.72 -31.92
N PRO C 44 -1.42 -20.76 -32.16
CA PRO C 44 -1.95 -21.13 -33.47
C PRO C 44 -1.42 -20.43 -34.71
N ASN C 45 -0.94 -19.18 -34.58
CA ASN C 45 -0.43 -18.48 -35.75
C ASN C 45 1.06 -18.70 -35.96
N ALA C 46 1.67 -19.52 -35.09
CA ALA C 46 3.11 -19.76 -35.22
C ALA C 46 3.46 -20.54 -36.47
N THR C 47 4.66 -20.29 -36.98
CA THR C 47 5.16 -20.97 -38.16
C THR C 47 6.58 -21.41 -37.84
N ALA C 48 7.12 -22.33 -38.62
CA ALA C 48 8.47 -22.81 -38.38
C ALA C 48 9.28 -22.77 -39.66
N ARG C 49 10.55 -22.39 -39.52
CA ARG C 49 11.47 -22.34 -40.64
C ARG C 49 12.46 -23.45 -40.33
N ILE C 50 12.31 -24.57 -41.03
CA ILE C 50 13.16 -25.75 -40.83
C ILE C 50 14.27 -25.79 -41.86
N GLU C 51 15.51 -25.79 -41.39
CA GLU C 51 16.65 -25.79 -42.30
C GLU C 51 17.58 -26.97 -42.04
N GLY C 52 17.81 -27.75 -43.08
CA GLY C 52 18.68 -28.93 -42.97
C GLY C 52 20.08 -28.68 -43.49
N HIS C 53 21.02 -29.43 -42.93
CA HIS C 53 22.44 -29.29 -43.28
C HIS C 53 23.15 -30.64 -43.30
N THR C 54 24.33 -30.66 -43.91
CA THR C 54 25.15 -31.86 -44.00
C THR C 54 26.60 -31.47 -43.75
N ASP C 55 27.46 -32.44 -43.48
CA ASP C 55 28.88 -32.12 -43.31
C ASP C 55 29.37 -31.99 -44.76
N ASN C 56 30.64 -31.68 -44.97
CA ASN C 56 31.13 -31.51 -46.34
C ASN C 56 31.64 -32.77 -47.04
N THR C 57 31.32 -33.94 -46.51
CA THR C 57 31.78 -35.18 -47.14
C THR C 57 30.77 -35.73 -48.13
N GLY C 58 31.25 -36.28 -49.23
CA GLY C 58 30.37 -36.84 -50.23
C GLY C 58 30.01 -35.94 -51.40
N PRO C 59 29.25 -36.46 -52.38
CA PRO C 59 28.82 -35.71 -53.57
C PRO C 59 27.92 -34.52 -53.23
N ARG C 60 28.01 -33.47 -54.03
CA ARG C 60 27.20 -32.27 -53.81
C ARG C 60 25.71 -32.59 -53.95
N LYS C 61 25.37 -33.39 -54.95
CA LYS C 61 23.98 -33.76 -55.18
C LYS C 61 23.43 -34.58 -54.03
N LEU C 62 24.30 -35.40 -53.42
CA LEU C 62 23.89 -36.23 -52.30
C LEU C 62 23.52 -35.32 -51.13
N ASN C 63 24.40 -34.37 -50.84
CA ASN C 63 24.18 -33.44 -49.74
C ASN C 63 23.07 -32.43 -49.94
N GLU C 64 22.78 -32.07 -51.18
CA GLU C 64 21.70 -31.13 -51.43
C GLU C 64 20.41 -31.85 -51.07
N ARG C 65 20.31 -33.10 -51.51
CA ARG C 65 19.13 -33.92 -51.23
C ARG C 65 19.08 -34.32 -49.75
N LEU C 66 20.23 -34.69 -49.19
CA LEU C 66 20.28 -35.11 -47.80
C LEU C 66 19.91 -34.00 -46.83
N SER C 67 20.42 -32.80 -47.08
CA SER C 67 20.11 -31.67 -46.20
C SER C 67 18.61 -31.38 -46.21
N LEU C 68 17.99 -31.44 -47.38
CA LEU C 68 16.56 -31.20 -47.50
C LEU C 68 15.77 -32.34 -46.87
N ALA C 69 16.24 -33.57 -47.08
CA ALA C 69 15.57 -34.73 -46.52
C ALA C 69 15.52 -34.64 -45.00
N ARG C 70 16.60 -34.16 -44.41
CA ARG C 70 16.65 -34.02 -42.96
C ARG C 70 15.62 -32.99 -42.51
N ALA C 71 15.52 -31.88 -43.22
CA ALA C 71 14.55 -30.85 -42.88
C ALA C 71 13.14 -31.42 -43.06
N ASN C 72 12.92 -32.18 -44.12
CA ASN C 72 11.62 -32.76 -44.37
C ASN C 72 11.26 -33.86 -43.37
N SER C 73 12.27 -34.49 -42.79
CA SER C 73 12.03 -35.54 -41.81
C SER C 73 11.43 -34.91 -40.55
N VAL C 74 11.95 -33.74 -40.18
CA VAL C 74 11.44 -33.04 -39.01
C VAL C 74 10.03 -32.58 -39.30
N LYS C 75 9.81 -32.03 -40.50
CA LYS C 75 8.49 -31.57 -40.88
C LYS C 75 7.50 -32.74 -40.90
N SER C 76 7.93 -33.87 -41.45
CA SER C 76 7.08 -35.03 -41.54
C SER C 76 6.67 -35.53 -40.16
N ALA C 77 7.59 -35.46 -39.20
CA ALA C 77 7.29 -35.90 -37.85
C ALA C 77 6.17 -35.04 -37.27
N LEU C 78 6.29 -33.73 -37.46
CA LEU C 78 5.28 -32.81 -36.96
C LEU C 78 3.95 -32.99 -37.66
N VAL C 79 3.99 -33.13 -38.99
CA VAL C 79 2.77 -33.30 -39.77
C VAL C 79 2.04 -34.62 -39.53
N ASN C 80 2.79 -35.72 -39.59
CA ASN C 80 2.19 -37.04 -39.44
C ASN C 80 1.94 -37.53 -38.02
N GLU C 81 2.86 -37.25 -37.11
CA GLU C 81 2.73 -37.71 -35.74
C GLU C 81 2.00 -36.75 -34.81
N TYR C 82 2.03 -35.46 -35.14
CA TYR C 82 1.38 -34.45 -34.29
C TYR C 82 0.28 -33.65 -34.97
N ASN C 83 -0.09 -34.07 -36.17
CA ASN C 83 -1.15 -33.41 -36.92
C ASN C 83 -0.96 -31.90 -37.07
N VAL C 84 0.27 -31.48 -37.31
CA VAL C 84 0.54 -30.06 -37.51
C VAL C 84 0.35 -29.76 -38.99
N ASP C 85 -0.34 -28.67 -39.30
CA ASP C 85 -0.58 -28.32 -40.69
C ASP C 85 0.74 -28.11 -41.43
N ALA C 86 0.91 -28.79 -42.56
CA ALA C 86 2.14 -28.69 -43.34
C ALA C 86 2.49 -27.28 -43.82
N SER C 87 1.50 -26.48 -44.19
CA SER C 87 1.79 -25.14 -44.70
C SER C 87 2.43 -24.18 -43.70
N ARG C 88 2.39 -24.52 -42.42
CA ARG C 88 2.99 -23.66 -41.39
C ARG C 88 4.48 -23.94 -41.26
N LEU C 89 4.94 -25.00 -41.93
CA LEU C 89 6.32 -25.42 -41.82
C LEU C 89 7.07 -25.36 -43.15
N SER C 90 8.09 -24.51 -43.22
CA SER C 90 8.88 -24.42 -44.44
C SER C 90 10.12 -25.28 -44.25
N THR C 91 10.61 -25.86 -45.35
CA THR C 91 11.82 -26.67 -45.27
C THR C 91 12.76 -26.24 -46.39
N GLN C 92 14.06 -26.29 -46.10
CA GLN C 92 15.07 -25.94 -47.07
C GLN C 92 16.36 -26.63 -46.67
N GLY C 93 17.12 -27.09 -47.66
CA GLY C 93 18.38 -27.74 -47.40
C GLY C 93 19.50 -26.83 -47.87
N PHE C 94 20.59 -26.79 -47.11
CA PHE C 94 21.72 -25.94 -47.45
C PHE C 94 22.98 -26.74 -47.71
N ALA C 95 22.83 -28.05 -47.86
CA ALA C 95 23.97 -28.92 -48.10
C ALA C 95 25.05 -28.61 -47.05
N TRP C 96 26.28 -28.41 -47.50
CA TRP C 96 27.39 -28.11 -46.60
C TRP C 96 27.74 -26.62 -46.57
N ASP C 97 26.94 -25.80 -47.25
CA ASP C 97 27.22 -24.37 -47.34
C ASP C 97 27.18 -23.56 -46.04
N GLN C 98 26.54 -24.09 -45.00
CA GLN C 98 26.47 -23.34 -43.75
C GLN C 98 26.90 -24.15 -42.52
N PRO C 99 28.21 -24.41 -42.40
CA PRO C 99 28.71 -25.17 -41.26
C PRO C 99 28.73 -24.35 -39.98
N ILE C 100 28.65 -25.03 -38.84
CA ILE C 100 28.67 -24.36 -37.54
C ILE C 100 29.85 -24.92 -36.75
N ALA C 101 30.54 -25.89 -37.34
CA ALA C 101 31.69 -26.53 -36.72
C ALA C 101 32.72 -26.87 -37.79
N ASP C 102 33.93 -27.20 -37.35
CA ASP C 102 35.00 -27.56 -38.27
C ASP C 102 34.83 -28.96 -38.82
N ASN C 103 34.73 -29.07 -40.14
CA ASN C 103 34.56 -30.35 -40.80
C ASN C 103 35.83 -31.21 -40.81
N LYS C 104 36.92 -30.66 -40.28
CA LYS C 104 38.19 -31.39 -40.25
C LYS C 104 38.17 -32.50 -39.19
N THR C 105 37.31 -32.35 -38.19
CA THR C 105 37.21 -33.33 -37.12
C THR C 105 35.88 -34.08 -37.15
N LYS C 106 35.87 -35.28 -36.57
CA LYS C 106 34.66 -36.09 -36.53
C LYS C 106 33.54 -35.47 -35.69
N GLU C 107 33.91 -34.79 -34.61
CA GLU C 107 32.92 -34.16 -33.76
C GLU C 107 32.41 -32.88 -34.40
N GLY C 108 33.25 -32.27 -35.24
CA GLY C 108 32.86 -31.05 -35.92
C GLY C 108 31.84 -31.39 -37.00
N ARG C 109 32.08 -32.49 -37.69
CA ARG C 109 31.17 -32.93 -38.75
C ARG C 109 29.84 -33.39 -38.15
N ALA C 110 29.90 -33.97 -36.96
CA ALA C 110 28.69 -34.45 -36.29
C ALA C 110 27.80 -33.25 -36.01
N MET C 111 28.42 -32.13 -35.65
CA MET C 111 27.69 -30.91 -35.36
C MET C 111 27.04 -30.33 -36.60
N ASN C 112 27.68 -30.51 -37.75
CA ASN C 112 27.14 -29.99 -39.00
C ASN C 112 25.98 -30.78 -39.58
N ARG C 113 25.94 -32.08 -39.29
CA ARG C 113 24.83 -32.93 -39.76
C ARG C 113 23.68 -32.57 -38.84
N ARG C 114 22.90 -31.57 -39.24
CA ARG C 114 21.84 -31.10 -38.38
C ARG C 114 20.68 -30.46 -39.09
N VAL C 115 19.63 -30.22 -38.30
CA VAL C 115 18.46 -29.50 -38.76
C VAL C 115 18.25 -28.50 -37.64
N PHE C 116 18.14 -27.23 -38.01
CA PHE C 116 17.89 -26.18 -37.04
C PHE C 116 16.53 -25.63 -37.44
N ALA C 117 15.60 -25.61 -36.50
CA ALA C 117 14.27 -25.10 -36.78
C ALA C 117 13.99 -23.90 -35.90
N THR C 118 13.46 -22.84 -36.51
CA THR C 118 13.13 -21.62 -35.79
C THR C 118 11.61 -21.46 -35.83
N ILE C 119 10.99 -21.49 -34.65
CA ILE C 119 9.55 -21.35 -34.55
C ILE C 119 9.24 -19.99 -33.95
N THR C 120 8.37 -19.24 -34.62
CA THR C 120 7.99 -17.92 -34.14
C THR C 120 6.48 -17.78 -34.21
N GLY C 121 5.91 -17.10 -33.20
CA GLY C 121 4.48 -16.90 -33.19
C GLY C 121 4.11 -15.91 -32.13
N SER C 122 2.83 -15.57 -32.04
CA SER C 122 2.36 -14.60 -31.05
C SER C 122 0.89 -14.86 -30.74
N ARG C 123 0.43 -14.39 -29.59
CA ARG C 123 -0.97 -14.58 -29.21
C ARG C 123 -1.38 -13.49 -28.23
N SER D 2 -13.23 -12.23 23.87
CA SER D 2 -12.51 -10.93 24.00
C SER D 2 -12.69 -10.37 25.41
N HIS D 3 -11.74 -9.55 25.84
CA HIS D 3 -11.77 -8.95 27.17
C HIS D 3 -11.73 -7.43 27.06
N MET D 4 -12.04 -6.92 25.87
CA MET D 4 -12.01 -5.49 25.65
C MET D 4 -13.00 -5.11 24.55
N GLU D 5 -13.86 -4.16 24.85
CA GLU D 5 -14.86 -3.68 23.90
C GLU D 5 -14.71 -2.17 23.81
N LEU D 6 -14.90 -1.62 22.62
CA LEU D 6 -14.81 -0.18 22.47
C LEU D 6 -15.79 0.29 21.42
N THR D 7 -16.23 1.52 21.58
CA THR D 7 -17.16 2.11 20.63
C THR D 7 -16.82 3.58 20.50
N GLU D 8 -17.03 4.11 19.30
CA GLU D 8 -16.79 5.51 19.03
C GLU D 8 -18.06 6.03 18.41
N ASP D 9 -18.57 7.14 18.94
CA ASP D 9 -19.80 7.73 18.42
C ASP D 9 -19.51 9.04 17.74
N LEU D 10 -19.99 9.17 16.51
CA LEU D 10 -19.79 10.38 15.72
C LEU D 10 -21.02 11.26 15.73
N ASN D 11 -20.80 12.55 15.97
CA ASN D 11 -21.88 13.53 15.97
C ASN D 11 -21.34 14.79 15.30
N MET D 12 -21.94 15.14 14.17
CA MET D 12 -21.51 16.33 13.44
C MET D 12 -22.70 17.19 13.05
N GLU D 13 -22.45 18.49 12.98
CA GLU D 13 -23.47 19.45 12.57
C GLU D 13 -22.80 20.38 11.58
N LEU D 14 -23.37 20.46 10.40
CA LEU D 14 -22.87 21.32 9.33
C LEU D 14 -23.90 22.39 9.04
N ARG D 15 -23.43 23.63 8.95
CA ARG D 15 -24.31 24.76 8.65
C ARG D 15 -23.82 25.46 7.40
N VAL D 16 -24.69 25.55 6.40
CA VAL D 16 -24.35 26.23 5.14
C VAL D 16 -25.39 27.32 4.92
N PHE D 17 -24.94 28.50 4.55
CA PHE D 17 -25.87 29.60 4.33
C PHE D 17 -25.91 29.98 2.85
N PHE D 18 -27.05 30.52 2.43
CA PHE D 18 -27.28 30.87 1.03
C PHE D 18 -27.74 32.31 0.80
N ASP D 19 -27.48 32.81 -0.40
CA ASP D 19 -27.91 34.15 -0.78
C ASP D 19 -29.39 34.06 -1.14
N THR D 20 -30.06 35.20 -1.16
CA THR D 20 -31.48 35.23 -1.48
C THR D 20 -31.80 34.52 -2.80
N ASN D 21 -32.80 33.65 -2.74
CA ASN D 21 -33.26 32.89 -3.90
C ASN D 21 -32.22 32.00 -4.57
N LYS D 22 -31.15 31.68 -3.85
CA LYS D 22 -30.10 30.82 -4.39
C LYS D 22 -29.95 29.53 -3.59
N SER D 23 -29.55 28.47 -4.28
CA SER D 23 -29.36 27.17 -3.64
C SER D 23 -27.97 26.60 -3.94
N ASN D 24 -27.07 27.46 -4.41
CA ASN D 24 -25.71 27.05 -4.72
C ASN D 24 -24.86 27.07 -3.46
N ILE D 25 -23.87 26.19 -3.39
CA ILE D 25 -22.98 26.12 -2.24
C ILE D 25 -21.77 27.01 -2.54
N LYS D 26 -21.56 28.01 -1.71
CA LYS D 26 -20.44 28.93 -1.90
C LYS D 26 -19.11 28.22 -1.61
N ASP D 27 -18.05 28.70 -2.25
CA ASP D 27 -16.72 28.12 -2.10
C ASP D 27 -16.23 27.94 -0.67
N GLN D 28 -16.56 28.89 0.20
CA GLN D 28 -16.10 28.86 1.58
C GLN D 28 -16.57 27.62 2.36
N TYR D 29 -17.60 26.96 1.85
CA TYR D 29 -18.13 25.79 2.54
C TYR D 29 -17.51 24.46 2.15
N LYS D 30 -16.68 24.46 1.12
CA LYS D 30 -16.05 23.24 0.66
C LYS D 30 -15.25 22.48 1.73
N PRO D 31 -14.41 23.17 2.51
CA PRO D 31 -13.64 22.45 3.53
C PRO D 31 -14.51 21.71 4.56
N GLU D 32 -15.64 22.28 4.93
CA GLU D 32 -16.49 21.63 5.91
C GLU D 32 -17.23 20.45 5.29
N ILE D 33 -17.62 20.58 4.02
CA ILE D 33 -18.29 19.49 3.35
C ILE D 33 -17.29 18.34 3.20
N ALA D 34 -16.04 18.70 2.92
CA ALA D 34 -14.98 17.70 2.77
C ALA D 34 -14.78 16.93 4.08
N LYS D 35 -14.87 17.65 5.20
CA LYS D 35 -14.70 17.02 6.51
C LYS D 35 -15.84 16.06 6.79
N VAL D 36 -17.05 16.44 6.39
CA VAL D 36 -18.21 15.57 6.58
C VAL D 36 -18.00 14.30 5.75
N ALA D 37 -17.53 14.46 4.52
CA ALA D 37 -17.29 13.30 3.65
C ALA D 37 -16.26 12.38 4.29
N GLU D 38 -15.23 12.97 4.88
CA GLU D 38 -14.18 12.20 5.54
C GLU D 38 -14.76 11.36 6.66
N LYS D 39 -15.54 11.99 7.54
CA LYS D 39 -16.15 11.27 8.66
C LYS D 39 -17.15 10.23 8.20
N LEU D 40 -17.85 10.48 7.10
CA LEU D 40 -18.81 9.49 6.59
C LEU D 40 -18.05 8.27 6.09
N SER D 41 -16.78 8.48 5.73
CA SER D 41 -15.94 7.40 5.26
C SER D 41 -15.36 6.65 6.45
N GLU D 42 -15.00 7.39 7.49
CA GLU D 42 -14.42 6.79 8.70
C GLU D 42 -15.48 6.06 9.54
N TYR D 43 -16.73 6.43 9.34
CA TYR D 43 -17.85 5.79 10.05
C TYR D 43 -18.83 5.30 9.00
N PRO D 44 -18.58 4.10 8.45
CA PRO D 44 -19.37 3.42 7.43
C PRO D 44 -20.89 3.41 7.62
N ASN D 45 -21.33 3.20 8.85
CA ASN D 45 -22.77 3.16 9.12
C ASN D 45 -23.40 4.51 9.43
N ALA D 46 -22.59 5.55 9.48
CA ALA D 46 -23.10 6.89 9.76
C ALA D 46 -24.03 7.36 8.64
N THR D 47 -25.01 8.17 9.00
CA THR D 47 -25.95 8.71 8.03
C THR D 47 -26.08 10.21 8.29
N ALA D 48 -26.63 10.93 7.33
CA ALA D 48 -26.79 12.36 7.48
C ALA D 48 -28.22 12.80 7.24
N ARG D 49 -28.66 13.75 8.03
CA ARG D 49 -30.01 14.31 7.91
C ARG D 49 -29.78 15.74 7.45
N ILE D 50 -30.08 16.00 6.18
CA ILE D 50 -29.87 17.33 5.61
C ILE D 50 -31.20 18.08 5.52
N GLU D 51 -31.26 19.21 6.21
CA GLU D 51 -32.48 20.01 6.26
C GLU D 51 -32.29 21.43 5.74
N GLY D 52 -33.09 21.79 4.74
CA GLY D 52 -33.00 23.11 4.14
C GLY D 52 -34.05 24.07 4.62
N HIS D 53 -33.73 25.37 4.59
CA HIS D 53 -34.64 26.41 5.07
C HIS D 53 -34.54 27.67 4.22
N THR D 54 -35.52 28.55 4.40
CA THR D 54 -35.57 29.83 3.68
C THR D 54 -36.02 30.90 4.67
N ASP D 55 -35.88 32.17 4.30
CA ASP D 55 -36.38 33.22 5.17
C ASP D 55 -37.85 33.30 4.74
N ASN D 56 -38.62 34.24 5.30
CA ASN D 56 -40.04 34.29 4.94
C ASN D 56 -40.41 35.24 3.79
N THR D 57 -39.45 35.52 2.92
CA THR D 57 -39.70 36.39 1.77
C THR D 57 -40.13 35.59 0.54
N GLY D 58 -41.19 36.06 -0.14
CA GLY D 58 -41.66 35.36 -1.32
C GLY D 58 -42.80 34.40 -1.07
N PRO D 59 -43.43 33.87 -2.14
CA PRO D 59 -44.54 32.93 -1.99
C PRO D 59 -44.14 31.61 -1.34
N ARG D 60 -45.09 31.01 -0.61
CA ARG D 60 -44.86 29.75 0.08
C ARG D 60 -44.33 28.62 -0.80
N LYS D 61 -44.98 28.37 -1.93
CA LYS D 61 -44.55 27.30 -2.83
C LYS D 61 -43.10 27.46 -3.28
N LEU D 62 -42.73 28.68 -3.66
CA LEU D 62 -41.37 28.95 -4.11
C LEU D 62 -40.38 28.58 -3.00
N ASN D 63 -40.71 28.96 -1.77
CA ASN D 63 -39.84 28.68 -0.64
C ASN D 63 -39.77 27.21 -0.25
N GLU D 64 -40.87 26.47 -0.46
CA GLU D 64 -40.85 25.05 -0.13
C GLU D 64 -39.86 24.39 -1.07
N ARG D 65 -39.96 24.73 -2.35
CA ARG D 65 -39.05 24.16 -3.34
C ARG D 65 -37.62 24.60 -3.11
N LEU D 66 -37.45 25.87 -2.75
CA LEU D 66 -36.10 26.42 -2.50
C LEU D 66 -35.43 25.76 -1.30
N SER D 67 -36.19 25.53 -0.24
CA SER D 67 -35.63 24.91 0.96
C SER D 67 -35.17 23.49 0.64
N LEU D 68 -35.96 22.77 -0.15
CA LEU D 68 -35.60 21.41 -0.52
C LEU D 68 -34.40 21.43 -1.46
N ALA D 69 -34.39 22.38 -2.38
CA ALA D 69 -33.30 22.50 -3.33
C ALA D 69 -31.99 22.74 -2.59
N ARG D 70 -32.04 23.55 -1.54
CA ARG D 70 -30.84 23.83 -0.75
C ARG D 70 -30.32 22.55 -0.09
N ALA D 71 -31.22 21.76 0.48
CA ALA D 71 -30.83 20.52 1.12
C ALA D 71 -30.26 19.56 0.08
N ASN D 72 -30.92 19.51 -1.08
CA ASN D 72 -30.47 18.63 -2.15
C ASN D 72 -29.13 19.05 -2.74
N SER D 73 -28.80 20.34 -2.65
CA SER D 73 -27.52 20.83 -3.17
C SER D 73 -26.40 20.27 -2.30
N VAL D 74 -26.63 20.24 -1.00
CA VAL D 74 -25.63 19.70 -0.08
C VAL D 74 -25.50 18.19 -0.29
N LYS D 75 -26.62 17.50 -0.45
CA LYS D 75 -26.58 16.06 -0.69
C LYS D 75 -25.86 15.78 -2.00
N SER D 76 -26.20 16.56 -3.02
CA SER D 76 -25.61 16.42 -4.34
C SER D 76 -24.09 16.53 -4.30
N ALA D 77 -23.59 17.47 -3.51
CA ALA D 77 -22.14 17.66 -3.38
C ALA D 77 -21.50 16.41 -2.80
N LEU D 78 -22.11 15.88 -1.75
CA LEU D 78 -21.59 14.69 -1.10
C LEU D 78 -21.65 13.46 -2.01
N VAL D 79 -22.78 13.31 -2.70
CA VAL D 79 -22.98 12.17 -3.59
C VAL D 79 -22.10 12.20 -4.84
N ASN D 80 -22.11 13.33 -5.55
CA ASN D 80 -21.35 13.43 -6.79
C ASN D 80 -19.88 13.81 -6.66
N GLU D 81 -19.55 14.68 -5.73
CA GLU D 81 -18.16 15.11 -5.55
C GLU D 81 -17.37 14.20 -4.61
N TYR D 82 -18.05 13.56 -3.66
CA TYR D 82 -17.39 12.70 -2.70
C TYR D 82 -17.83 11.23 -2.76
N ASN D 83 -18.63 10.90 -3.77
CA ASN D 83 -19.09 9.53 -3.96
C ASN D 83 -19.77 8.89 -2.75
N VAL D 84 -20.43 9.70 -1.92
CA VAL D 84 -21.11 9.16 -0.76
C VAL D 84 -22.41 8.51 -1.22
N ASP D 85 -22.71 7.33 -0.67
CA ASP D 85 -23.92 6.61 -1.05
C ASP D 85 -25.14 7.48 -0.73
N ALA D 86 -25.97 7.72 -1.75
CA ALA D 86 -27.16 8.55 -1.59
C ALA D 86 -28.13 8.01 -0.55
N SER D 87 -28.12 6.69 -0.33
CA SER D 87 -29.03 6.09 0.63
C SER D 87 -28.71 6.47 2.08
N ARG D 88 -27.50 6.98 2.32
CA ARG D 88 -27.09 7.37 3.66
C ARG D 88 -27.47 8.81 3.98
N LEU D 89 -27.96 9.52 2.96
CA LEU D 89 -28.31 10.93 3.13
C LEU D 89 -29.78 11.23 2.88
N SER D 90 -30.43 11.85 3.86
CA SER D 90 -31.82 12.22 3.72
C SER D 90 -31.90 13.74 3.56
N THR D 91 -32.87 14.21 2.79
CA THR D 91 -33.03 15.65 2.58
C THR D 91 -34.48 16.06 2.82
N GLN D 92 -34.66 17.23 3.40
CA GLN D 92 -35.99 17.73 3.68
C GLN D 92 -35.98 19.26 3.70
N GLY D 93 -37.03 19.85 3.17
CA GLY D 93 -37.15 21.30 3.16
C GLY D 93 -38.26 21.72 4.09
N PHE D 94 -38.01 22.76 4.88
CA PHE D 94 -38.98 23.26 5.84
C PHE D 94 -39.47 24.66 5.49
N ALA D 95 -39.13 25.13 4.29
CA ALA D 95 -39.50 26.48 3.87
C ALA D 95 -39.08 27.42 4.99
N TRP D 96 -40.00 28.29 5.42
CA TRP D 96 -39.71 29.25 6.49
C TRP D 96 -40.30 28.84 7.84
N ASP D 97 -40.64 27.56 7.99
CA ASP D 97 -41.25 27.08 9.23
C ASP D 97 -40.36 26.98 10.46
N GLN D 98 -39.06 26.89 10.27
CA GLN D 98 -38.15 26.76 11.41
C GLN D 98 -37.04 27.82 11.42
N PRO D 99 -37.41 29.09 11.65
CA PRO D 99 -36.43 30.17 11.69
C PRO D 99 -35.56 30.10 12.95
N ILE D 100 -34.31 30.52 12.82
CA ILE D 100 -33.40 30.55 13.97
C ILE D 100 -33.05 31.99 14.26
N ALA D 101 -33.56 32.89 13.41
CA ALA D 101 -33.33 34.31 13.57
C ALA D 101 -34.58 35.11 13.20
N ASP D 102 -34.56 36.40 13.49
CA ASP D 102 -35.69 37.27 13.20
C ASP D 102 -35.76 37.69 11.74
N ASN D 103 -36.82 37.24 11.06
CA ASN D 103 -37.04 37.57 9.65
C ASN D 103 -37.29 39.06 9.40
N LYS D 104 -37.44 39.81 10.49
CA LYS D 104 -37.69 41.25 10.36
C LYS D 104 -36.42 42.06 10.10
N THR D 105 -35.27 41.40 10.15
CA THR D 105 -34.00 42.08 9.90
C THR D 105 -33.19 41.37 8.82
N LYS D 106 -32.22 42.08 8.26
CA LYS D 106 -31.37 41.51 7.21
C LYS D 106 -30.52 40.33 7.69
N GLU D 107 -29.76 40.52 8.77
CA GLU D 107 -28.93 39.44 9.29
C GLU D 107 -29.82 38.27 9.71
N GLY D 108 -31.02 38.60 10.18
CA GLY D 108 -31.97 37.58 10.60
C GLY D 108 -32.35 36.68 9.44
N ARG D 109 -32.83 37.29 8.36
CA ARG D 109 -33.24 36.53 7.19
C ARG D 109 -32.04 35.78 6.62
N ALA D 110 -30.88 36.42 6.66
CA ALA D 110 -29.65 35.82 6.16
C ALA D 110 -29.34 34.52 6.90
N MET D 111 -29.55 34.53 8.21
CA MET D 111 -29.28 33.36 9.02
C MET D 111 -30.31 32.26 8.78
N ASN D 112 -31.51 32.65 8.33
CA ASN D 112 -32.56 31.66 8.06
C ASN D 112 -32.39 30.94 6.72
N ARG D 113 -31.71 31.57 5.77
CA ARG D 113 -31.47 30.95 4.46
C ARG D 113 -30.33 29.98 4.72
N ARG D 114 -30.65 28.75 5.11
CA ARG D 114 -29.61 27.81 5.45
C ARG D 114 -29.97 26.35 5.27
N VAL D 115 -28.94 25.52 5.45
CA VAL D 115 -29.09 24.08 5.44
C VAL D 115 -28.36 23.63 6.69
N PHE D 116 -29.03 22.84 7.51
CA PHE D 116 -28.45 22.31 8.73
C PHE D 116 -28.34 20.81 8.47
N ALA D 117 -27.12 20.29 8.58
CA ALA D 117 -26.90 18.87 8.33
C ALA D 117 -26.42 18.20 9.62
N THR D 118 -27.09 17.12 10.00
CA THR D 118 -26.71 16.39 11.19
C THR D 118 -26.22 15.01 10.79
N ILE D 119 -24.97 14.72 11.15
CA ILE D 119 -24.38 13.43 10.83
C ILE D 119 -24.23 12.66 12.14
N THR D 120 -24.71 11.43 12.15
CA THR D 120 -24.62 10.60 13.34
C THR D 120 -24.27 9.17 12.97
N GLY D 121 -23.52 8.52 13.83
CA GLY D 121 -23.11 7.15 13.58
C GLY D 121 -22.18 6.66 14.66
N SER D 122 -21.75 5.42 14.54
CA SER D 122 -20.85 4.84 15.52
C SER D 122 -20.07 3.71 14.88
N ARG D 123 -18.94 3.37 15.49
CA ARG D 123 -18.10 2.29 14.97
C ARG D 123 -17.47 1.57 16.15
N HIS E 3 -19.65 13.07 30.94
CA HIS E 3 -18.31 13.37 31.50
C HIS E 3 -17.85 14.78 31.15
N MET E 4 -16.59 15.07 31.48
CA MET E 4 -15.97 16.36 31.23
C MET E 4 -16.15 16.86 29.80
N GLU E 5 -16.45 18.15 29.66
CA GLU E 5 -16.61 18.78 28.35
C GLU E 5 -15.50 19.82 28.23
N LEU E 6 -14.73 19.71 27.15
CA LEU E 6 -13.62 20.64 26.94
C LEU E 6 -13.50 21.02 25.48
N THR E 7 -13.44 22.31 25.23
CA THR E 7 -13.30 22.80 23.86
C THR E 7 -12.39 24.03 23.85
N GLU E 8 -11.63 24.17 22.77
CA GLU E 8 -10.77 25.33 22.61
C GLU E 8 -11.07 25.77 21.19
N ASP E 9 -11.45 27.03 21.04
CA ASP E 9 -11.79 27.57 19.73
C ASP E 9 -10.66 28.45 19.22
N LEU E 10 -10.29 28.22 17.98
CA LEU E 10 -9.23 28.97 17.32
C LEU E 10 -9.84 29.98 16.35
N ASN E 11 -9.32 31.20 16.39
CA ASN E 11 -9.77 32.24 15.48
C ASN E 11 -8.50 32.99 15.09
N MET E 12 -8.18 32.94 13.80
CA MET E 12 -6.96 33.56 13.32
C MET E 12 -7.24 34.28 12.01
N GLU E 13 -6.61 35.44 11.85
CA GLU E 13 -6.75 36.24 10.64
C GLU E 13 -5.36 36.52 10.09
N LEU E 14 -5.20 36.26 8.80
CA LEU E 14 -3.93 36.48 8.13
C LEU E 14 -4.17 37.48 7.02
N ARG E 15 -3.23 38.40 6.85
CA ARG E 15 -3.31 39.39 5.79
C ARG E 15 -2.00 39.39 5.03
N VAL E 16 -2.08 39.28 3.71
CA VAL E 16 -0.89 39.28 2.87
C VAL E 16 -1.14 40.31 1.78
N PHE E 17 -0.14 41.12 1.48
CA PHE E 17 -0.29 42.14 0.45
C PHE E 17 0.64 41.88 -0.72
N PHE E 18 0.21 42.28 -1.91
CA PHE E 18 0.96 42.03 -3.14
C PHE E 18 1.32 43.25 -3.97
N ASP E 19 2.36 43.09 -4.79
CA ASP E 19 2.78 44.16 -5.69
C ASP E 19 1.87 44.13 -6.91
N THR E 20 1.84 45.21 -7.66
CA THR E 20 0.98 45.29 -8.83
C THR E 20 1.20 44.12 -9.80
N ASN E 21 0.09 43.51 -10.22
CA ASN E 21 0.10 42.40 -11.16
C ASN E 21 0.87 41.16 -10.73
N LYS E 22 1.17 41.05 -9.43
CA LYS E 22 1.90 39.88 -8.94
C LYS E 22 1.09 39.09 -7.92
N SER E 23 1.32 37.78 -7.88
CA SER E 23 0.62 36.92 -6.94
C SER E 23 1.60 36.13 -6.07
N ASN E 24 2.87 36.53 -6.10
CA ASN E 24 3.88 35.86 -5.30
C ASN E 24 3.83 36.39 -3.87
N ILE E 25 4.15 35.54 -2.90
CA ILE E 25 4.14 35.92 -1.50
C ILE E 25 5.53 36.39 -1.07
N LYS E 26 5.63 37.66 -0.67
CA LYS E 26 6.90 38.21 -0.23
C LYS E 26 7.37 37.45 1.01
N ASP E 27 8.69 37.22 1.10
CA ASP E 27 9.24 36.48 2.22
C ASP E 27 8.94 37.05 3.60
N GLN E 28 8.63 38.35 3.66
CA GLN E 28 8.33 38.97 4.95
C GLN E 28 7.12 38.32 5.60
N TYR E 29 6.28 37.66 4.80
CA TYR E 29 5.07 37.01 5.31
C TYR E 29 5.28 35.56 5.71
N LYS E 30 6.50 35.04 5.53
CA LYS E 30 6.76 33.66 5.87
C LYS E 30 6.51 33.31 7.33
N PRO E 31 6.93 34.18 8.27
CA PRO E 31 6.70 33.88 9.69
C PRO E 31 5.23 33.71 10.00
N GLU E 32 4.39 34.59 9.45
CA GLU E 32 2.94 34.54 9.67
C GLU E 32 2.33 33.28 9.08
N ILE E 33 2.76 32.93 7.87
CA ILE E 33 2.24 31.74 7.23
C ILE E 33 2.64 30.49 8.03
N ALA E 34 3.84 30.52 8.59
CA ALA E 34 4.32 29.39 9.40
C ALA E 34 3.47 29.28 10.67
N LYS E 35 3.11 30.41 11.25
CA LYS E 35 2.30 30.39 12.46
C LYS E 35 0.91 29.82 12.17
N VAL E 36 0.41 30.10 10.97
CA VAL E 36 -0.90 29.58 10.57
C VAL E 36 -0.77 28.07 10.41
N ALA E 37 0.33 27.63 9.80
CA ALA E 37 0.57 26.20 9.62
C ALA E 37 0.65 25.51 10.97
N GLU E 38 1.33 26.14 11.92
CA GLU E 38 1.48 25.59 13.27
C GLU E 38 0.11 25.39 13.90
N LYS E 39 -0.74 26.41 13.85
CA LYS E 39 -2.06 26.32 14.45
C LYS E 39 -2.95 25.30 13.71
N LEU E 40 -2.75 25.14 12.41
CA LEU E 40 -3.56 24.18 11.66
C LEU E 40 -3.19 22.77 12.10
N SER E 41 -1.98 22.63 12.64
CA SER E 41 -1.51 21.33 13.12
C SER E 41 -2.01 21.09 14.55
N GLU E 42 -2.04 22.16 15.34
CA GLU E 42 -2.50 22.07 16.73
C GLU E 42 -4.02 21.91 16.80
N TYR E 43 -4.70 22.40 15.77
CA TYR E 43 -6.16 22.29 15.65
C TYR E 43 -6.41 21.57 14.33
N PRO E 44 -6.16 20.25 14.31
CA PRO E 44 -6.35 19.43 13.11
C PRO E 44 -7.67 19.53 12.36
N ASN E 45 -8.73 19.97 13.03
CA ASN E 45 -10.02 20.08 12.36
C ASN E 45 -10.30 21.48 11.83
N ALA E 46 -9.43 22.43 12.14
CA ALA E 46 -9.63 23.81 11.68
C ALA E 46 -9.55 23.88 10.16
N THR E 47 -10.23 24.87 9.59
CA THR E 47 -10.20 25.08 8.14
C THR E 47 -9.86 26.53 7.90
N ALA E 48 -9.47 26.85 6.67
CA ALA E 48 -9.12 28.22 6.34
C ALA E 48 -9.90 28.71 5.12
N ARG E 49 -10.38 29.93 5.21
CA ARG E 49 -11.13 30.57 4.14
C ARG E 49 -10.16 31.64 3.62
N ILE E 50 -9.61 31.39 2.43
CA ILE E 50 -8.63 32.28 1.84
C ILE E 50 -9.27 33.06 0.70
N GLU E 51 -9.25 34.39 0.78
CA GLU E 51 -9.87 35.22 -0.25
C GLU E 51 -8.90 36.25 -0.82
N GLY E 52 -8.75 36.23 -2.14
CA GLY E 52 -7.85 37.14 -2.83
C GLY E 52 -8.54 38.34 -3.43
N HIS E 53 -7.79 39.43 -3.61
CA HIS E 53 -8.34 40.67 -4.12
C HIS E 53 -7.33 41.42 -4.97
N THR E 54 -7.83 42.40 -5.73
CA THR E 54 -6.99 43.24 -6.57
C THR E 54 -7.46 44.68 -6.43
N ASP E 55 -6.67 45.62 -6.94
CA ASP E 55 -7.13 46.99 -6.93
C ASP E 55 -7.97 47.06 -8.20
N ASN E 56 -8.50 48.24 -8.55
CA ASN E 56 -9.36 48.32 -9.73
C ASN E 56 -8.71 48.71 -11.05
N THR E 57 -7.40 48.55 -11.15
CA THR E 57 -6.70 48.89 -12.40
C THR E 57 -6.66 47.66 -13.30
N GLY E 58 -7.07 47.82 -14.56
CA GLY E 58 -7.08 46.70 -15.48
C GLY E 58 -8.45 46.11 -15.73
N PRO E 59 -8.59 45.24 -16.74
CA PRO E 59 -9.86 44.59 -17.09
C PRO E 59 -10.34 43.60 -16.05
N ARG E 60 -11.67 43.44 -15.98
CA ARG E 60 -12.30 42.54 -15.02
C ARG E 60 -11.75 41.11 -15.01
N LYS E 61 -11.86 40.43 -16.16
CA LYS E 61 -11.38 39.06 -16.27
C LYS E 61 -9.97 38.85 -15.75
N LEU E 62 -9.06 39.75 -16.13
CA LEU E 62 -7.67 39.65 -15.70
C LEU E 62 -7.57 39.69 -14.18
N ASN E 63 -8.31 40.61 -13.57
CA ASN E 63 -8.27 40.75 -12.11
C ASN E 63 -8.99 39.62 -11.38
N GLU E 64 -9.97 39.02 -12.04
CA GLU E 64 -10.67 37.89 -11.43
C GLU E 64 -9.63 36.78 -11.29
N ARG E 65 -8.87 36.55 -12.35
CA ARG E 65 -7.83 35.53 -12.34
C ARG E 65 -6.71 35.85 -11.36
N LEU E 66 -6.31 37.12 -11.31
CA LEU E 66 -5.24 37.55 -10.42
C LEU E 66 -5.63 37.40 -8.95
N SER E 67 -6.86 37.79 -8.61
CA SER E 67 -7.31 37.69 -7.23
C SER E 67 -7.35 36.22 -6.79
N LEU E 68 -7.78 35.34 -7.70
CA LEU E 68 -7.83 33.92 -7.36
C LEU E 68 -6.41 33.37 -7.23
N ALA E 69 -5.52 33.85 -8.10
CA ALA E 69 -4.14 33.41 -8.07
C ALA E 69 -3.48 33.78 -6.76
N ARG E 70 -3.84 34.94 -6.22
CA ARG E 70 -3.26 35.37 -4.96
C ARG E 70 -3.73 34.45 -3.84
N ALA E 71 -5.02 34.13 -3.81
CA ALA E 71 -5.55 33.24 -2.79
C ALA E 71 -4.85 31.89 -2.93
N ASN E 72 -4.72 31.42 -4.17
CA ASN E 72 -4.06 30.13 -4.38
C ASN E 72 -2.59 30.10 -3.99
N SER E 73 -1.92 31.25 -4.02
CA SER E 73 -0.51 31.25 -3.64
C SER E 73 -0.38 31.00 -2.14
N VAL E 74 -1.37 31.47 -1.38
CA VAL E 74 -1.35 31.26 0.05
C VAL E 74 -1.65 29.79 0.35
N LYS E 75 -2.64 29.24 -0.35
CA LYS E 75 -2.98 27.84 -0.16
C LYS E 75 -1.78 26.96 -0.55
N SER E 76 -1.15 27.31 -1.67
CA SER E 76 0.00 26.54 -2.13
C SER E 76 1.17 26.59 -1.15
N ALA E 77 1.35 27.72 -0.48
CA ALA E 77 2.43 27.83 0.49
C ALA E 77 2.18 26.85 1.63
N LEU E 78 0.93 26.79 2.10
CA LEU E 78 0.58 25.90 3.19
C LEU E 78 0.69 24.44 2.81
N VAL E 79 0.23 24.12 1.60
CA VAL E 79 0.27 22.74 1.12
C VAL E 79 1.69 22.29 0.74
N ASN E 80 2.38 23.11 -0.04
CA ASN E 80 3.73 22.79 -0.48
C ASN E 80 4.79 22.80 0.62
N GLU E 81 4.80 23.86 1.42
CA GLU E 81 5.81 24.00 2.46
C GLU E 81 5.52 23.34 3.79
N TYR E 82 4.24 23.28 4.17
CA TYR E 82 3.89 22.71 5.46
C TYR E 82 3.06 21.45 5.45
N ASN E 83 2.82 20.90 4.26
CA ASN E 83 2.08 19.66 4.14
C ASN E 83 0.66 19.70 4.70
N VAL E 84 0.03 20.87 4.63
CA VAL E 84 -1.34 21.00 5.11
C VAL E 84 -2.26 20.33 4.10
N ASP E 85 -3.26 19.60 4.58
CA ASP E 85 -4.19 18.93 3.67
C ASP E 85 -4.94 20.00 2.87
N ALA E 86 -4.79 19.96 1.56
CA ALA E 86 -5.42 20.96 0.68
C ALA E 86 -6.94 21.09 0.87
N SER E 87 -7.61 20.00 1.22
CA SER E 87 -9.06 20.04 1.39
C SER E 87 -9.54 20.90 2.56
N ARG E 88 -8.62 21.26 3.45
CA ARG E 88 -8.96 22.08 4.63
C ARG E 88 -8.95 23.57 4.29
N LEU E 89 -8.51 23.88 3.07
CA LEU E 89 -8.36 25.26 2.63
C LEU E 89 -9.21 25.61 1.41
N SER E 90 -9.95 26.70 1.50
CA SER E 90 -10.75 27.13 0.37
C SER E 90 -10.11 28.39 -0.19
N THR E 91 -10.23 28.59 -1.50
CA THR E 91 -9.68 29.79 -2.12
C THR E 91 -10.73 30.39 -3.03
N GLN E 92 -10.77 31.72 -3.08
CA GLN E 92 -11.72 32.42 -3.93
C GLN E 92 -11.18 33.81 -4.21
N GLY E 93 -11.40 34.28 -5.43
CA GLY E 93 -10.95 35.62 -5.82
C GLY E 93 -12.15 36.52 -5.98
N PHE E 94 -12.02 37.77 -5.57
CA PHE E 94 -13.11 38.73 -5.66
C PHE E 94 -12.79 39.93 -6.53
N ALA E 95 -11.68 39.85 -7.26
CA ALA E 95 -11.26 40.96 -8.12
C ALA E 95 -11.25 42.22 -7.26
N TRP E 96 -11.88 43.29 -7.76
CA TRP E 96 -11.91 44.57 -7.03
C TRP E 96 -13.23 44.85 -6.31
N ASP E 97 -14.09 43.84 -6.15
CA ASP E 97 -15.39 44.03 -5.51
C ASP E 97 -15.40 44.39 -4.03
N GLN E 98 -14.32 44.08 -3.31
CA GLN E 98 -14.26 44.37 -1.88
C GLN E 98 -13.06 45.21 -1.47
N PRO E 99 -13.03 46.48 -1.89
CA PRO E 99 -11.90 47.33 -1.53
C PRO E 99 -11.91 47.68 -0.05
N ILE E 100 -10.72 47.85 0.53
CA ILE E 100 -10.61 48.24 1.93
C ILE E 100 -9.91 49.59 2.00
N ALA E 101 -9.66 50.15 0.82
CA ALA E 101 -8.99 51.44 0.71
C ALA E 101 -9.37 52.13 -0.60
N ASP E 102 -9.03 53.41 -0.72
CA ASP E 102 -9.34 54.19 -1.90
C ASP E 102 -8.45 53.84 -3.10
N ASN E 103 -9.08 53.40 -4.19
CA ASN E 103 -8.35 53.02 -5.39
C ASN E 103 -7.77 54.21 -6.16
N LYS E 104 -8.16 55.42 -5.76
CA LYS E 104 -7.66 56.61 -6.43
C LYS E 104 -6.26 57.02 -5.96
N THR E 105 -5.77 56.37 -4.91
CA THR E 105 -4.44 56.66 -4.39
C THR E 105 -3.56 55.43 -4.48
N LYS E 106 -2.25 55.64 -4.58
CA LYS E 106 -1.29 54.55 -4.66
C LYS E 106 -1.28 53.75 -3.37
N GLU E 107 -1.33 54.44 -2.24
CA GLU E 107 -1.34 53.78 -0.94
C GLU E 107 -2.60 52.93 -0.80
N GLY E 108 -3.71 53.46 -1.30
CA GLY E 108 -4.98 52.74 -1.22
C GLY E 108 -5.00 51.51 -2.10
N ARG E 109 -4.50 51.64 -3.32
CA ARG E 109 -4.48 50.49 -4.23
C ARG E 109 -3.62 49.38 -3.64
N ALA E 110 -2.54 49.77 -2.95
CA ALA E 110 -1.64 48.81 -2.33
C ALA E 110 -2.39 47.99 -1.28
N MET E 111 -3.28 48.65 -0.56
CA MET E 111 -4.06 47.95 0.47
C MET E 111 -5.04 46.99 -0.17
N ASN E 112 -5.50 47.31 -1.37
CA ASN E 112 -6.47 46.47 -2.03
C ASN E 112 -5.90 45.21 -2.68
N ARG E 113 -4.60 45.22 -2.99
CA ARG E 113 -3.94 44.06 -3.57
C ARG E 113 -3.59 43.17 -2.38
N ARG E 114 -4.50 42.27 -2.04
CA ARG E 114 -4.29 41.47 -0.84
C ARG E 114 -5.01 40.13 -0.81
N VAL E 115 -4.70 39.39 0.23
CA VAL E 115 -5.36 38.13 0.52
C VAL E 115 -5.68 38.21 2.01
N PHE E 116 -6.94 37.97 2.33
CA PHE E 116 -7.39 37.93 3.71
C PHE E 116 -7.73 36.48 3.94
N ALA E 117 -7.18 35.87 4.98
CA ALA E 117 -7.50 34.48 5.26
C ALA E 117 -8.00 34.39 6.69
N THR E 118 -9.05 33.60 6.89
CA THR E 118 -9.62 33.41 8.21
C THR E 118 -9.52 31.94 8.54
N ILE E 119 -8.86 31.64 9.66
CA ILE E 119 -8.70 30.26 10.09
C ILE E 119 -9.52 30.08 11.36
N THR E 120 -10.42 29.10 11.35
CA THR E 120 -11.27 28.84 12.51
C THR E 120 -11.44 27.36 12.72
N GLY E 121 -11.72 26.98 13.97
CA GLY E 121 -11.91 25.58 14.26
C GLY E 121 -11.76 25.37 15.75
N SER E 122 -12.08 24.16 16.20
CA SER E 122 -11.99 23.86 17.62
C SER E 122 -11.36 22.49 17.82
N ARG E 123 -10.92 22.24 19.05
CA ARG E 123 -10.34 20.95 19.42
C ARG E 123 -10.81 20.63 20.83
N SER F 2 12.00 -5.22 -21.76
CA SER F 2 12.74 -5.81 -20.61
C SER F 2 14.25 -5.73 -20.83
N HIS F 3 14.97 -5.26 -19.81
CA HIS F 3 16.41 -5.11 -19.91
C HIS F 3 17.12 -6.20 -19.10
N MET F 4 16.54 -7.39 -19.09
CA MET F 4 17.12 -8.49 -18.34
C MET F 4 16.94 -9.84 -19.03
N GLU F 5 18.03 -10.61 -19.06
CA GLU F 5 18.04 -11.94 -19.65
C GLU F 5 18.39 -12.89 -18.50
N LEU F 6 17.56 -13.90 -18.28
CA LEU F 6 17.82 -14.84 -17.20
C LEU F 6 17.49 -16.27 -17.60
N THR F 7 18.45 -17.16 -17.47
CA THR F 7 18.24 -18.57 -17.79
C THR F 7 18.96 -19.45 -16.79
N GLU F 8 18.34 -20.58 -16.47
CA GLU F 8 18.94 -21.55 -15.55
C GLU F 8 18.92 -22.85 -16.33
N ASP F 9 20.09 -23.50 -16.40
CA ASP F 9 20.20 -24.75 -17.16
C ASP F 9 20.37 -25.93 -16.22
N LEU F 10 19.49 -26.91 -16.41
CA LEU F 10 19.51 -28.12 -15.60
C LEU F 10 20.24 -29.26 -16.30
N ASN F 11 21.09 -29.95 -15.55
CA ASN F 11 21.82 -31.11 -16.07
C ASN F 11 21.84 -32.15 -14.97
N MET F 12 21.28 -33.32 -15.26
CA MET F 12 21.25 -34.40 -14.28
C MET F 12 21.60 -35.70 -14.95
N GLU F 13 22.25 -36.57 -14.21
CA GLU F 13 22.58 -37.89 -14.73
C GLU F 13 22.18 -38.87 -13.64
N LEU F 14 21.29 -39.79 -13.99
CA LEU F 14 20.83 -40.81 -13.06
C LEU F 14 21.38 -42.13 -13.57
N ARG F 15 22.03 -42.88 -12.69
CA ARG F 15 22.60 -44.16 -13.06
C ARG F 15 21.94 -45.24 -12.22
N VAL F 16 21.30 -46.21 -12.89
CA VAL F 16 20.62 -47.31 -12.21
C VAL F 16 21.25 -48.61 -12.70
N PHE F 17 21.59 -49.50 -11.75
CA PHE F 17 22.20 -50.76 -12.12
C PHE F 17 21.26 -51.93 -11.83
N PHE F 18 21.39 -52.98 -12.62
CA PHE F 18 20.51 -54.15 -12.54
C PHE F 18 21.23 -55.47 -12.35
N ASP F 19 20.52 -56.43 -11.76
CA ASP F 19 21.08 -57.76 -11.58
C ASP F 19 20.92 -58.51 -12.90
N THR F 20 21.68 -59.58 -13.07
CA THR F 20 21.62 -60.36 -14.30
C THR F 20 20.21 -60.73 -14.73
N ASN F 21 19.91 -60.45 -16.00
CA ASN F 21 18.62 -60.73 -16.61
C ASN F 21 17.41 -60.08 -15.93
N LYS F 22 17.67 -59.04 -15.14
CA LYS F 22 16.59 -58.34 -14.45
C LYS F 22 16.46 -56.92 -14.99
N SER F 23 15.24 -56.39 -15.00
CA SER F 23 15.00 -55.04 -15.48
C SER F 23 14.20 -54.23 -14.47
N ASN F 24 14.06 -54.76 -13.26
CA ASN F 24 13.33 -54.08 -12.21
C ASN F 24 14.25 -53.09 -11.52
N ILE F 25 13.69 -51.98 -11.06
CA ILE F 25 14.45 -50.96 -10.36
C ILE F 25 14.40 -51.23 -8.86
N LYS F 26 15.56 -51.43 -8.25
CA LYS F 26 15.60 -51.69 -6.82
C LYS F 26 15.13 -50.47 -6.04
N ASP F 27 14.47 -50.70 -4.90
CA ASP F 27 13.96 -49.60 -4.09
C ASP F 27 15.02 -48.60 -3.66
N GLN F 28 16.27 -49.02 -3.61
CA GLN F 28 17.35 -48.12 -3.20
C GLN F 28 17.45 -46.89 -4.11
N TYR F 29 16.93 -47.00 -5.33
CA TYR F 29 17.00 -45.91 -6.29
C TYR F 29 15.83 -44.94 -6.25
N LYS F 30 14.82 -45.26 -5.44
CA LYS F 30 13.63 -44.41 -5.37
C LYS F 30 13.89 -42.94 -5.03
N PRO F 31 14.76 -42.66 -4.05
CA PRO F 31 14.99 -41.24 -3.74
C PRO F 31 15.62 -40.50 -4.91
N GLU F 32 16.50 -41.17 -5.64
CA GLU F 32 17.16 -40.55 -6.79
C GLU F 32 16.13 -40.27 -7.89
N ILE F 33 15.24 -41.24 -8.12
CA ILE F 33 14.21 -41.06 -9.13
C ILE F 33 13.25 -39.95 -8.72
N ALA F 34 12.96 -39.86 -7.43
CA ALA F 34 12.07 -38.83 -6.92
C ALA F 34 12.70 -37.45 -7.14
N LYS F 35 14.01 -37.38 -6.98
CA LYS F 35 14.73 -36.13 -7.16
C LYS F 35 14.67 -35.70 -8.63
N VAL F 36 14.76 -36.68 -9.52
CA VAL F 36 14.68 -36.41 -10.95
C VAL F 36 13.29 -35.84 -11.23
N ALA F 37 12.27 -36.48 -10.67
CA ALA F 37 10.89 -36.03 -10.87
C ALA F 37 10.72 -34.60 -10.35
N GLU F 38 11.32 -34.32 -9.20
CA GLU F 38 11.24 -32.98 -8.61
C GLU F 38 11.80 -31.93 -9.58
N LYS F 39 12.99 -32.20 -10.11
CA LYS F 39 13.61 -31.25 -11.02
C LYS F 39 12.85 -31.14 -12.35
N LEU F 40 12.21 -32.23 -12.78
CA LEU F 40 11.43 -32.19 -14.01
C LEU F 40 10.22 -31.30 -13.81
N SER F 41 9.78 -31.15 -12.57
CA SER F 41 8.65 -30.30 -12.26
C SER F 41 9.13 -28.85 -12.16
N GLU F 42 10.31 -28.67 -11.58
CA GLU F 42 10.91 -27.35 -11.42
C GLU F 42 11.38 -26.76 -12.75
N TYR F 43 11.66 -27.64 -13.71
CA TYR F 43 12.10 -27.25 -15.04
C TYR F 43 11.13 -27.96 -15.98
N PRO F 44 9.89 -27.46 -16.06
CA PRO F 44 8.84 -28.04 -16.91
C PRO F 44 9.17 -28.32 -18.37
N ASN F 45 10.18 -27.64 -18.91
CA ASN F 45 10.56 -27.86 -20.31
C ASN F 45 11.68 -28.87 -20.47
N ALA F 46 12.25 -29.34 -19.36
CA ALA F 46 13.34 -30.29 -19.41
C ALA F 46 12.87 -31.64 -19.97
N THR F 47 13.79 -32.40 -20.53
CA THR F 47 13.46 -33.71 -21.08
C THR F 47 14.53 -34.69 -20.63
N ALA F 48 14.25 -35.98 -20.78
CA ALA F 48 15.21 -36.99 -20.38
C ALA F 48 15.50 -38.00 -21.47
N ARG F 49 16.78 -38.30 -21.62
CA ARG F 49 17.27 -39.27 -22.59
C ARG F 49 17.67 -40.46 -21.72
N ILE F 50 16.85 -41.51 -21.76
CA ILE F 50 17.08 -42.70 -20.96
C ILE F 50 17.65 -43.81 -21.85
N GLU F 51 18.82 -44.31 -21.49
CA GLU F 51 19.48 -45.33 -22.29
C GLU F 51 19.83 -46.57 -21.47
N GLY F 52 19.33 -47.72 -21.93
CA GLY F 52 19.55 -48.98 -21.23
C GLY F 52 20.64 -49.82 -21.89
N HIS F 53 21.29 -50.65 -21.08
CA HIS F 53 22.39 -51.49 -21.54
C HIS F 53 22.42 -52.85 -20.84
N THR F 54 23.19 -53.77 -21.41
CA THR F 54 23.34 -55.10 -20.82
C THR F 54 24.83 -55.46 -20.85
N ASP F 55 25.20 -56.53 -20.15
CA ASP F 55 26.58 -56.98 -20.24
C ASP F 55 26.57 -57.83 -21.52
N ASN F 56 27.69 -58.44 -21.88
CA ASN F 56 27.73 -59.21 -23.12
C ASN F 56 27.40 -60.70 -23.05
N THR F 57 26.72 -61.13 -22.00
CA THR F 57 26.38 -62.55 -21.87
C THR F 57 24.99 -62.82 -22.41
N GLY F 58 24.84 -63.93 -23.13
CA GLY F 58 23.53 -64.29 -23.66
C GLY F 58 23.28 -63.89 -25.11
N PRO F 59 22.13 -64.27 -25.67
CA PRO F 59 21.69 -64.00 -27.04
C PRO F 59 21.62 -62.50 -27.37
N ARG F 60 21.88 -62.16 -28.62
CA ARG F 60 21.86 -60.76 -29.05
C ARG F 60 20.48 -60.10 -28.90
N LYS F 61 19.48 -60.63 -29.59
CA LYS F 61 18.14 -60.05 -29.51
C LYS F 61 17.60 -60.01 -28.09
N LEU F 62 17.87 -61.05 -27.31
CA LEU F 62 17.40 -61.09 -25.93
C LEU F 62 17.94 -59.88 -25.17
N ASN F 63 19.21 -59.55 -25.42
CA ASN F 63 19.82 -58.41 -24.75
C ASN F 63 19.40 -57.07 -25.34
N GLU F 64 19.03 -57.05 -26.62
CA GLU F 64 18.55 -55.80 -27.20
C GLU F 64 17.27 -55.47 -26.45
N ARG F 65 16.42 -56.48 -26.29
CA ARG F 65 15.15 -56.32 -25.59
C ARG F 65 15.34 -55.98 -24.12
N LEU F 66 16.30 -56.64 -23.47
CA LEU F 66 16.56 -56.38 -22.06
C LEU F 66 17.05 -54.96 -21.82
N SER F 67 17.92 -54.46 -22.68
CA SER F 67 18.44 -53.10 -22.52
C SER F 67 17.31 -52.08 -22.63
N LEU F 68 16.40 -52.29 -23.57
CA LEU F 68 15.29 -51.38 -23.74
C LEU F 68 14.34 -51.49 -22.54
N ALA F 69 14.12 -52.72 -22.06
CA ALA F 69 13.25 -52.93 -20.91
C ALA F 69 13.76 -52.17 -19.69
N ARG F 70 15.08 -52.15 -19.52
CA ARG F 70 15.67 -51.45 -18.39
C ARG F 70 15.40 -49.95 -18.52
N ALA F 71 15.55 -49.41 -19.73
CA ALA F 71 15.29 -48.01 -19.93
C ALA F 71 13.80 -47.72 -19.71
N ASN F 72 12.95 -48.61 -20.18
CA ASN F 72 11.52 -48.39 -19.99
C ASN F 72 11.06 -48.47 -18.54
N SER F 73 11.80 -49.20 -17.71
CA SER F 73 11.44 -49.31 -16.31
C SER F 73 11.63 -47.95 -15.65
N VAL F 74 12.69 -47.24 -16.04
CA VAL F 74 12.93 -45.92 -15.47
C VAL F 74 11.86 -44.97 -15.97
N LYS F 75 11.55 -45.02 -17.26
CA LYS F 75 10.51 -44.16 -17.78
C LYS F 75 9.18 -44.46 -17.09
N SER F 76 8.88 -45.73 -16.93
CA SER F 76 7.63 -46.14 -16.30
C SER F 76 7.51 -45.59 -14.87
N ALA F 77 8.62 -45.60 -14.14
CA ALA F 77 8.61 -45.09 -12.78
C ALA F 77 8.25 -43.60 -12.77
N LEU F 78 8.90 -42.83 -13.62
CA LEU F 78 8.63 -41.40 -13.69
C LEU F 78 7.21 -41.09 -14.12
N VAL F 79 6.73 -41.81 -15.13
CA VAL F 79 5.37 -41.58 -15.63
C VAL F 79 4.27 -42.01 -14.67
N ASN F 80 4.33 -43.25 -14.23
CA ASN F 80 3.29 -43.79 -13.36
C ASN F 80 3.36 -43.43 -11.89
N GLU F 81 4.55 -43.34 -11.34
CA GLU F 81 4.69 -43.00 -9.92
C GLU F 81 4.80 -41.50 -9.67
N TYR F 82 5.33 -40.76 -10.63
CA TYR F 82 5.50 -39.32 -10.44
C TYR F 82 4.71 -38.45 -11.42
N ASN F 83 3.88 -39.09 -12.22
CA ASN F 83 3.03 -38.41 -13.19
C ASN F 83 3.75 -37.49 -14.18
N VAL F 84 4.98 -37.84 -14.55
CA VAL F 84 5.70 -37.05 -15.52
C VAL F 84 5.12 -37.37 -16.90
N ASP F 85 4.96 -36.36 -17.74
CA ASP F 85 4.42 -36.55 -19.09
C ASP F 85 5.36 -37.47 -19.86
N ALA F 86 4.84 -38.61 -20.31
CA ALA F 86 5.64 -39.58 -21.05
C ALA F 86 6.36 -39.00 -22.26
N SER F 87 5.77 -38.00 -22.90
CA SER F 87 6.35 -37.38 -24.09
C SER F 87 7.67 -36.65 -23.83
N ARG F 88 7.96 -36.36 -22.56
CA ARG F 88 9.19 -35.66 -22.19
C ARG F 88 10.36 -36.63 -22.05
N LEU F 89 10.06 -37.93 -22.15
CA LEU F 89 11.07 -38.96 -21.94
C LEU F 89 11.26 -39.92 -23.11
N SER F 90 12.51 -40.10 -23.51
CA SER F 90 12.82 -41.03 -24.59
C SER F 90 13.54 -42.23 -23.99
N THR F 91 13.35 -43.40 -24.58
CA THR F 91 14.00 -44.61 -24.10
C THR F 91 14.61 -45.32 -25.28
N GLN F 92 15.78 -45.91 -25.06
CA GLN F 92 16.48 -46.64 -26.11
C GLN F 92 17.41 -47.65 -25.44
N GLY F 93 17.53 -48.80 -26.09
CA GLY F 93 18.40 -49.85 -25.57
C GLY F 93 19.55 -50.06 -26.54
N PHE F 94 20.73 -50.34 -25.99
CA PHE F 94 21.94 -50.53 -26.79
C PHE F 94 22.55 -51.91 -26.62
N ALA F 95 21.81 -52.83 -26.02
CA ALA F 95 22.33 -54.16 -25.78
C ALA F 95 23.70 -54.01 -25.13
N TRP F 96 24.70 -54.71 -25.67
CA TRP F 96 26.06 -54.65 -25.12
C TRP F 96 27.02 -53.83 -25.97
N ASP F 97 26.49 -53.00 -26.87
CA ASP F 97 27.32 -52.20 -27.76
C ASP F 97 28.09 -51.03 -27.15
N GLN F 98 27.69 -50.59 -25.96
CA GLN F 98 28.37 -49.46 -25.33
C GLN F 98 28.79 -49.78 -23.91
N PRO F 99 29.75 -50.69 -23.74
CA PRO F 99 30.17 -51.02 -22.39
C PRO F 99 30.93 -49.87 -21.76
N ILE F 100 30.86 -49.77 -20.44
CA ILE F 100 31.61 -48.74 -19.73
C ILE F 100 32.65 -49.44 -18.89
N ALA F 101 32.58 -50.78 -18.89
CA ALA F 101 33.51 -51.60 -18.14
C ALA F 101 33.84 -52.88 -18.90
N ASP F 102 34.88 -53.57 -18.46
CA ASP F 102 35.31 -54.81 -19.08
C ASP F 102 34.40 -55.99 -18.71
N ASN F 103 33.77 -56.58 -19.72
CA ASN F 103 32.87 -57.71 -19.51
C ASN F 103 33.58 -58.98 -19.05
N LYS F 104 34.91 -58.97 -19.04
CA LYS F 104 35.67 -60.13 -18.63
C LYS F 104 35.68 -60.37 -17.13
N THR F 105 35.16 -59.42 -16.36
CA THR F 105 35.11 -59.56 -14.90
C THR F 105 33.67 -59.43 -14.41
N LYS F 106 33.35 -60.04 -13.28
CA LYS F 106 32.00 -59.96 -12.76
C LYS F 106 31.66 -58.53 -12.36
N GLU F 107 32.67 -57.78 -11.90
CA GLU F 107 32.45 -56.40 -11.51
C GLU F 107 32.14 -55.57 -12.74
N GLY F 108 32.87 -55.86 -13.82
CA GLY F 108 32.67 -55.13 -15.06
C GLY F 108 31.30 -55.39 -15.67
N ARG F 109 30.88 -56.65 -15.66
CA ARG F 109 29.57 -56.98 -16.21
C ARG F 109 28.49 -56.27 -15.40
N ALA F 110 28.65 -56.24 -14.08
CA ALA F 110 27.70 -55.59 -13.19
C ALA F 110 27.57 -54.12 -13.56
N MET F 111 28.69 -53.47 -13.84
CA MET F 111 28.67 -52.06 -14.21
C MET F 111 28.02 -51.83 -15.57
N ASN F 112 28.07 -52.84 -16.44
CA ASN F 112 27.47 -52.69 -17.76
C ASN F 112 25.95 -52.87 -17.76
N ARG F 113 25.42 -53.59 -16.78
CA ARG F 113 23.97 -53.81 -16.66
C ARG F 113 23.43 -52.52 -16.05
N ARG F 114 23.10 -51.56 -16.90
CA ARG F 114 22.71 -50.27 -16.40
C ARG F 114 21.77 -49.46 -17.29
N VAL F 115 21.32 -48.36 -16.71
CA VAL F 115 20.50 -47.39 -17.41
C VAL F 115 21.09 -46.06 -16.95
N PHE F 116 21.42 -45.23 -17.93
CA PHE F 116 21.94 -43.89 -17.65
C PHE F 116 20.86 -42.98 -18.22
N ALA F 117 20.31 -42.14 -17.36
CA ALA F 117 19.27 -41.19 -17.77
C ALA F 117 19.87 -39.81 -17.67
N THR F 118 19.88 -39.09 -18.79
CA THR F 118 20.42 -37.73 -18.81
C THR F 118 19.26 -36.75 -18.94
N ILE F 119 19.17 -35.85 -17.97
CA ILE F 119 18.09 -34.86 -17.97
C ILE F 119 18.68 -33.49 -18.27
N THR F 120 18.13 -32.82 -19.28
CA THR F 120 18.60 -31.49 -19.67
C THR F 120 17.41 -30.59 -19.94
N GLY F 121 17.62 -29.29 -19.78
CA GLY F 121 16.56 -28.34 -20.03
C GLY F 121 16.86 -27.02 -19.36
N SER F 122 16.11 -25.99 -19.73
CA SER F 122 16.31 -24.67 -19.16
C SER F 122 14.98 -24.06 -18.72
N ARG F 123 15.07 -23.03 -17.89
CA ARG F 123 13.89 -22.30 -17.42
C ARG F 123 14.32 -20.84 -17.29
N SER G 2 25.08 -41.51 -4.60
CA SER G 2 26.32 -41.89 -5.33
C SER G 2 25.99 -42.37 -6.73
N HIS G 3 24.70 -42.35 -7.08
CA HIS G 3 24.25 -42.80 -8.39
C HIS G 3 23.56 -41.70 -9.18
N MET G 4 23.68 -40.46 -8.72
CA MET G 4 23.04 -39.37 -9.43
C MET G 4 23.66 -38.04 -9.07
N GLU G 5 24.01 -37.27 -10.10
CA GLU G 5 24.57 -35.94 -9.91
C GLU G 5 23.64 -34.94 -10.58
N LEU G 6 23.60 -33.75 -10.02
CA LEU G 6 22.73 -32.70 -10.52
C LEU G 6 23.45 -31.36 -10.44
N THR G 7 23.31 -30.55 -11.48
CA THR G 7 23.89 -29.22 -11.50
C THR G 7 22.93 -28.27 -12.20
N GLU G 8 22.95 -27.01 -11.77
CA GLU G 8 22.10 -26.00 -12.35
C GLU G 8 23.02 -24.82 -12.65
N ASP G 9 23.02 -24.36 -13.90
CA ASP G 9 23.87 -23.24 -14.28
C ASP G 9 23.05 -21.98 -14.43
N LEU G 10 23.50 -20.91 -13.79
CA LEU G 10 22.81 -19.63 -13.85
C LEU G 10 23.50 -18.71 -14.88
N ASN G 11 22.70 -18.10 -15.74
CA ASN G 11 23.21 -17.19 -16.74
C ASN G 11 22.28 -15.99 -16.81
N MET G 12 22.79 -14.83 -16.43
CA MET G 12 21.98 -13.62 -16.44
C MET G 12 22.69 -12.48 -17.13
N GLU G 13 21.90 -11.58 -17.70
CA GLU G 13 22.43 -10.39 -18.33
C GLU G 13 21.54 -9.23 -17.95
N LEU G 14 22.12 -8.23 -17.31
CA LEU G 14 21.39 -7.04 -16.88
C LEU G 14 21.89 -5.87 -17.72
N ARG G 15 20.97 -5.04 -18.17
CA ARG G 15 21.31 -3.87 -18.97
C ARG G 15 20.66 -2.66 -18.33
N VAL G 16 21.47 -1.66 -18.00
CA VAL G 16 20.97 -0.43 -17.40
C VAL G 16 21.44 0.72 -18.28
N PHE G 17 20.53 1.65 -18.57
CA PHE G 17 20.88 2.78 -19.42
C PHE G 17 20.87 4.06 -18.63
N PHE G 18 21.67 5.03 -19.07
CA PHE G 18 21.84 6.28 -18.34
C PHE G 18 21.65 7.53 -19.18
N ASP G 19 21.30 8.62 -18.49
CA ASP G 19 21.13 9.90 -19.17
C ASP G 19 22.51 10.50 -19.37
N THR G 20 22.59 11.48 -20.27
CA THR G 20 23.85 12.15 -20.59
C THR G 20 24.58 12.67 -19.35
N ASN G 21 25.85 12.29 -19.23
CA ASN G 21 26.73 12.66 -18.14
C ASN G 21 26.21 12.32 -16.74
N LYS G 22 25.37 11.28 -16.66
CA LYS G 22 24.83 10.87 -15.37
C LYS G 22 25.11 9.39 -15.11
N SER G 23 25.20 9.02 -13.85
CA SER G 23 25.48 7.64 -13.47
C SER G 23 24.49 7.11 -12.43
N ASN G 24 23.35 7.78 -12.33
CA ASN G 24 22.32 7.36 -11.38
C ASN G 24 21.53 6.20 -11.97
N ILE G 25 21.01 5.33 -11.12
CA ILE G 25 20.19 4.22 -11.58
C ILE G 25 18.74 4.67 -11.47
N LYS G 26 18.05 4.79 -12.60
CA LYS G 26 16.65 5.22 -12.58
C LYS G 26 15.76 4.19 -11.89
N ASP G 27 14.66 4.65 -11.32
CA ASP G 27 13.73 3.77 -10.61
C ASP G 27 13.29 2.51 -11.37
N GLN G 28 13.07 2.63 -12.66
CA GLN G 28 12.59 1.50 -13.44
C GLN G 28 13.53 0.30 -13.49
N TYR G 29 14.80 0.52 -13.17
CA TYR G 29 15.77 -0.58 -13.21
C TYR G 29 15.86 -1.38 -11.92
N LYS G 30 15.26 -0.87 -10.84
CA LYS G 30 15.33 -1.55 -9.56
C LYS G 30 14.82 -3.00 -9.56
N PRO G 31 13.68 -3.28 -10.21
CA PRO G 31 13.19 -4.66 -10.21
C PRO G 31 14.18 -5.66 -10.78
N GLU G 32 14.87 -5.28 -11.87
CA GLU G 32 15.82 -6.18 -12.49
C GLU G 32 17.07 -6.35 -11.64
N ILE G 33 17.47 -5.28 -10.96
CA ILE G 33 18.63 -5.35 -10.08
C ILE G 33 18.23 -6.25 -8.90
N ALA G 34 16.99 -6.15 -8.48
CA ALA G 34 16.50 -6.98 -7.37
C ALA G 34 16.52 -8.45 -7.78
N LYS G 35 16.20 -8.72 -9.04
CA LYS G 35 16.20 -10.09 -9.55
C LYS G 35 17.62 -10.64 -9.54
N VAL G 36 18.57 -9.80 -9.94
CA VAL G 36 19.96 -10.21 -9.94
C VAL G 36 20.37 -10.60 -8.53
N ALA G 37 20.01 -9.76 -7.55
CA ALA G 37 20.34 -10.03 -6.17
C ALA G 37 19.73 -11.35 -5.70
N GLU G 38 18.48 -11.58 -6.10
CA GLU G 38 17.79 -12.80 -5.72
C GLU G 38 18.53 -14.03 -6.25
N LYS G 39 18.92 -14.00 -7.52
CA LYS G 39 19.62 -15.14 -8.11
C LYS G 39 21.01 -15.33 -7.51
N LEU G 40 21.67 -14.23 -7.14
CA LEU G 40 22.98 -14.34 -6.53
C LEU G 40 22.83 -14.99 -5.15
N SER G 41 21.68 -14.79 -4.53
CA SER G 41 21.41 -15.39 -3.22
C SER G 41 21.15 -16.89 -3.38
N GLU G 42 20.50 -17.26 -4.49
CA GLU G 42 20.17 -18.65 -4.78
C GLU G 42 21.35 -19.46 -5.29
N TYR G 43 22.36 -18.77 -5.80
CA TYR G 43 23.57 -19.39 -6.34
C TYR G 43 24.77 -18.77 -5.65
N PRO G 44 25.11 -19.26 -4.45
CA PRO G 44 26.23 -18.79 -3.62
C PRO G 44 27.56 -18.59 -4.34
N ASN G 45 27.85 -19.41 -5.33
CA ASN G 45 29.12 -19.29 -6.05
C ASN G 45 29.04 -18.41 -7.29
N ALA G 46 27.85 -17.87 -7.58
CA ALA G 46 27.72 -17.01 -8.74
C ALA G 46 28.36 -15.67 -8.48
N THR G 47 28.78 -15.00 -9.55
CA THR G 47 29.40 -13.69 -9.45
C THR G 47 28.91 -12.87 -10.62
N ALA G 48 29.20 -11.57 -10.58
CA ALA G 48 28.79 -10.68 -11.65
C ALA G 48 29.94 -9.85 -12.16
N ARG G 49 30.01 -9.71 -13.48
CA ARG G 49 31.02 -8.90 -14.13
C ARG G 49 30.23 -7.69 -14.61
N ILE G 50 30.44 -6.54 -13.96
CA ILE G 50 29.72 -5.31 -14.30
C ILE G 50 30.60 -4.39 -15.14
N GLU G 51 30.12 -4.04 -16.31
CA GLU G 51 30.91 -3.21 -17.22
C GLU G 51 30.16 -1.96 -17.64
N GLY G 52 30.79 -0.80 -17.41
CA GLY G 52 30.18 0.47 -17.75
C GLY G 52 30.67 1.05 -19.06
N HIS G 53 29.82 1.84 -19.69
CA HIS G 53 30.11 2.43 -20.99
C HIS G 53 29.57 3.85 -21.11
N THR G 54 30.08 4.58 -22.10
CA THR G 54 29.63 5.95 -22.35
C THR G 54 29.48 6.14 -23.85
N ASP G 55 28.80 7.22 -24.27
CA ASP G 55 28.75 7.50 -25.70
C ASP G 55 30.08 8.23 -25.92
N ASN G 56 30.36 8.67 -27.15
CA ASN G 56 31.64 9.31 -27.40
C ASN G 56 31.67 10.84 -27.26
N THR G 57 30.72 11.40 -26.51
CA THR G 57 30.67 12.84 -26.30
C THR G 57 31.53 13.27 -25.12
N GLY G 58 32.36 14.29 -25.31
CA GLY G 58 33.18 14.77 -24.21
C GLY G 58 34.59 14.23 -24.14
N PRO G 59 35.41 14.73 -23.20
CA PRO G 59 36.81 14.34 -23.00
C PRO G 59 37.03 12.85 -22.69
N ARG G 60 38.15 12.33 -23.15
CA ARG G 60 38.50 10.93 -22.95
C ARG G 60 38.50 10.53 -21.47
N LYS G 61 39.24 11.27 -20.63
CA LYS G 61 39.29 10.93 -19.21
C LYS G 61 37.94 11.03 -18.51
N LEU G 62 37.15 12.02 -18.89
CA LEU G 62 35.83 12.17 -18.27
C LEU G 62 35.02 10.90 -18.55
N ASN G 63 35.12 10.39 -19.77
CA ASN G 63 34.35 9.19 -20.11
C ASN G 63 34.90 7.92 -19.50
N GLU G 64 36.22 7.85 -19.31
CA GLU G 64 36.79 6.68 -18.68
C GLU G 64 36.23 6.65 -17.26
N ARG G 65 36.25 7.80 -16.60
CA ARG G 65 35.76 7.91 -15.24
C ARG G 65 34.26 7.71 -15.12
N LEU G 66 33.50 8.26 -16.07
CA LEU G 66 32.05 8.13 -16.04
C LEU G 66 31.63 6.69 -16.29
N SER G 67 32.30 6.01 -17.21
CA SER G 67 31.96 4.62 -17.50
C SER G 67 32.16 3.78 -16.23
N LEU G 68 33.26 4.00 -15.52
CA LEU G 68 33.51 3.25 -14.30
C LEU G 68 32.49 3.63 -13.22
N ALA G 69 32.17 4.92 -13.12
CA ALA G 69 31.19 5.37 -12.13
C ALA G 69 29.86 4.66 -12.35
N ARG G 70 29.49 4.47 -13.61
CA ARG G 70 28.23 3.80 -13.92
C ARG G 70 28.27 2.34 -13.45
N ALA G 71 29.38 1.65 -13.72
CA ALA G 71 29.49 0.26 -13.30
C ALA G 71 29.43 0.22 -11.77
N ASN G 72 30.10 1.16 -11.12
CA ASN G 72 30.10 1.19 -9.66
C ASN G 72 28.76 1.57 -9.08
N SER G 73 27.96 2.30 -9.84
CA SER G 73 26.63 2.68 -9.38
C SER G 73 25.76 1.43 -9.29
N VAL G 74 25.88 0.56 -10.30
CA VAL G 74 25.12 -0.69 -10.30
C VAL G 74 25.63 -1.58 -9.15
N LYS G 75 26.94 -1.65 -8.98
CA LYS G 75 27.48 -2.45 -7.89
C LYS G 75 26.97 -1.89 -6.57
N SER G 76 26.98 -0.57 -6.43
CA SER G 76 26.51 0.06 -5.21
C SER G 76 25.06 -0.31 -4.90
N ALA G 77 24.22 -0.35 -5.92
CA ALA G 77 22.82 -0.70 -5.72
C ALA G 77 22.71 -2.12 -5.17
N LEU G 78 23.47 -3.04 -5.75
CA LEU G 78 23.45 -4.43 -5.32
C LEU G 78 23.93 -4.58 -3.88
N VAL G 79 25.04 -3.94 -3.58
CA VAL G 79 25.64 -4.00 -2.25
C VAL G 79 24.81 -3.29 -1.17
N ASN G 80 24.41 -2.06 -1.46
CA ASN G 80 23.66 -1.25 -0.50
C ASN G 80 22.16 -1.51 -0.37
N GLU G 81 21.49 -1.66 -1.49
CA GLU G 81 20.05 -1.88 -1.47
C GLU G 81 19.61 -3.33 -1.39
N TYR G 82 20.49 -4.25 -1.79
CA TYR G 82 20.14 -5.66 -1.77
C TYR G 82 21.12 -6.56 -1.02
N ASN G 83 21.99 -5.94 -0.22
CA ASN G 83 22.97 -6.64 0.61
C ASN G 83 23.82 -7.72 -0.05
N VAL G 84 24.15 -7.55 -1.32
CA VAL G 84 24.99 -8.51 -2.01
C VAL G 84 26.44 -8.30 -1.58
N ASP G 85 27.19 -9.38 -1.42
CA ASP G 85 28.59 -9.28 -1.02
C ASP G 85 29.42 -8.67 -2.15
N ALA G 86 30.03 -7.52 -1.88
CA ALA G 86 30.84 -6.80 -2.87
C ALA G 86 31.96 -7.62 -3.51
N SER G 87 32.49 -8.60 -2.77
CA SER G 87 33.58 -9.41 -3.30
C SER G 87 33.13 -10.32 -4.45
N ARG G 88 31.82 -10.41 -4.66
CA ARG G 88 31.28 -11.24 -5.73
C ARG G 88 31.02 -10.42 -6.98
N LEU G 89 31.33 -9.13 -6.93
CA LEU G 89 31.05 -8.23 -8.04
C LEU G 89 32.29 -7.48 -8.52
N SER G 90 32.56 -7.53 -9.82
CA SER G 90 33.69 -6.81 -10.38
C SER G 90 33.13 -5.65 -11.19
N THR G 91 33.89 -4.56 -11.28
CA THR G 91 33.43 -3.41 -12.06
C THR G 91 34.57 -2.93 -12.94
N GLN G 92 34.21 -2.47 -14.13
CA GLN G 92 35.20 -1.95 -15.06
C GLN G 92 34.51 -0.99 -16.00
N GLY G 93 35.22 0.08 -16.37
CA GLY G 93 34.69 1.06 -17.29
C GLY G 93 35.42 0.97 -18.61
N PHE G 94 34.69 1.08 -19.71
CA PHE G 94 35.29 0.98 -21.03
C PHE G 94 35.17 2.25 -21.84
N ALA G 95 34.83 3.36 -21.19
CA ALA G 95 34.67 4.62 -21.88
C ALA G 95 33.76 4.41 -23.09
N TRP G 96 34.16 4.92 -24.25
CA TRP G 96 33.35 4.78 -25.46
C TRP G 96 33.88 3.71 -26.40
N ASP G 97 34.77 2.87 -25.89
CA ASP G 97 35.42 1.83 -26.68
C ASP G 97 34.60 0.65 -27.19
N GLN G 98 33.48 0.36 -26.55
CA GLN G 98 32.66 -0.77 -26.98
C GLN G 98 31.22 -0.33 -27.25
N PRO G 99 31.00 0.46 -28.30
CA PRO G 99 29.66 0.92 -28.64
C PRO G 99 28.81 -0.20 -29.22
N ILE G 100 27.50 -0.12 -28.99
CA ILE G 100 26.56 -1.09 -29.53
C ILE G 100 25.67 -0.39 -30.55
N ALA G 101 25.87 0.91 -30.69
CA ALA G 101 25.11 1.71 -31.65
C ALA G 101 25.96 2.86 -32.17
N ASP G 102 25.49 3.47 -33.25
CA ASP G 102 26.19 4.60 -33.88
C ASP G 102 26.06 5.87 -33.04
N ASN G 103 27.20 6.45 -32.67
CA ASN G 103 27.19 7.67 -31.87
C ASN G 103 26.78 8.93 -32.65
N LYS G 104 26.46 8.76 -33.92
CA LYS G 104 26.07 9.89 -34.75
C LYS G 104 24.66 10.41 -34.45
N THR G 105 23.82 9.57 -33.85
CA THR G 105 22.45 9.96 -33.53
C THR G 105 22.17 9.99 -32.04
N LYS G 106 21.12 10.71 -31.67
CA LYS G 106 20.72 10.84 -30.28
C LYS G 106 20.31 9.47 -29.74
N GLU G 107 19.54 8.75 -30.54
CA GLU G 107 19.08 7.41 -30.17
C GLU G 107 20.26 6.46 -30.01
N GLY G 108 21.26 6.58 -30.88
CA GLY G 108 22.41 5.72 -30.81
C GLY G 108 23.25 5.98 -29.57
N ARG G 109 23.47 7.24 -29.26
CA ARG G 109 24.25 7.59 -28.08
C ARG G 109 23.57 7.07 -26.82
N ALA G 110 22.25 7.16 -26.78
CA ALA G 110 21.49 6.69 -25.63
C ALA G 110 21.73 5.20 -25.38
N MET G 111 21.87 4.43 -26.45
CA MET G 111 22.12 3.00 -26.32
C MET G 111 23.52 2.73 -25.78
N ASN G 112 24.47 3.60 -26.11
CA ASN G 112 25.84 3.41 -25.65
C ASN G 112 26.07 3.78 -24.19
N ARG G 113 25.23 4.65 -23.64
CA ARG G 113 25.34 5.06 -22.24
C ARG G 113 24.70 3.95 -21.43
N ARG G 114 25.50 2.95 -21.06
CA ARG G 114 24.93 1.80 -20.38
C ARG G 114 25.90 1.03 -19.52
N VAL G 115 25.33 0.10 -18.77
CA VAL G 115 26.09 -0.83 -17.96
C VAL G 115 25.51 -2.17 -18.36
N PHE G 116 26.39 -3.11 -18.66
CA PHE G 116 25.97 -4.46 -18.99
C PHE G 116 26.61 -5.32 -17.92
N ALA G 117 25.79 -6.11 -17.24
CA ALA G 117 26.30 -6.99 -16.20
C ALA G 117 26.02 -8.43 -16.59
N THR G 118 27.05 -9.26 -16.47
CA THR G 118 26.92 -10.67 -16.79
C THR G 118 27.06 -11.44 -15.50
N ILE G 119 26.02 -12.20 -15.16
CA ILE G 119 26.01 -12.99 -13.93
C ILE G 119 26.06 -14.46 -14.30
N THR G 120 27.01 -15.18 -13.74
CA THR G 120 27.14 -16.59 -14.03
C THR G 120 27.53 -17.37 -12.79
N GLY G 121 27.19 -18.64 -12.78
CA GLY G 121 27.51 -19.47 -11.64
C GLY G 121 26.72 -20.76 -11.71
N SER G 122 26.99 -21.68 -10.80
CA SER G 122 26.29 -22.95 -10.78
C SER G 122 26.10 -23.40 -9.35
N ARG G 123 25.24 -24.40 -9.16
CA ARG G 123 25.00 -24.96 -7.84
C ARG G 123 24.64 -26.44 -8.00
N HIS H 3 0.51 41.49 10.54
CA HIS H 3 -0.30 40.93 9.41
C HIS H 3 -1.00 39.65 9.82
N MET H 4 -1.11 39.43 11.13
CA MET H 4 -1.77 38.24 11.63
C MET H 4 -2.10 38.40 13.11
N GLU H 5 -3.31 38.00 13.46
CA GLU H 5 -3.76 38.05 14.84
C GLU H 5 -4.53 36.77 15.09
N LEU H 6 -4.51 36.29 16.33
CA LEU H 6 -5.22 35.08 16.63
C LEU H 6 -5.59 35.02 18.10
N THR H 7 -6.65 34.28 18.37
CA THR H 7 -7.14 34.11 19.72
C THR H 7 -7.56 32.66 19.87
N GLU H 8 -7.48 32.16 21.10
CA GLU H 8 -7.89 30.80 21.39
C GLU H 8 -8.75 30.95 22.63
N ASP H 9 -9.97 30.45 22.56
CA ASP H 9 -10.91 30.54 23.67
C ASP H 9 -11.11 29.19 24.33
N LEU H 10 -11.05 29.17 25.66
CA LEU H 10 -11.22 27.95 26.42
C LEU H 10 -12.61 27.89 27.05
N ASN H 11 -13.28 26.76 26.88
CA ASN H 11 -14.60 26.56 27.48
C ASN H 11 -14.63 25.12 27.99
N MET H 12 -14.76 24.98 29.30
CA MET H 12 -14.80 23.65 29.91
C MET H 12 -15.95 23.55 30.90
N GLU H 13 -16.45 22.33 31.08
CA GLU H 13 -17.47 22.08 32.07
C GLU H 13 -17.03 20.84 32.84
N LEU H 14 -16.74 21.03 34.12
CA LEU H 14 -16.31 19.95 35.00
C LEU H 14 -17.56 19.37 35.65
N ARG H 15 -17.61 18.05 35.77
CA ARG H 15 -18.76 17.38 36.32
C ARG H 15 -18.33 16.35 37.36
N VAL H 16 -18.54 16.66 38.65
CA VAL H 16 -18.16 15.76 39.74
C VAL H 16 -19.41 15.32 40.51
N PHE H 17 -19.49 14.04 40.84
CA PHE H 17 -20.64 13.51 41.56
C PHE H 17 -20.29 13.03 42.96
N PHE H 18 -21.30 13.01 43.83
CA PHE H 18 -21.08 12.66 45.23
C PHE H 18 -22.02 11.60 45.77
N ASP H 19 -21.57 10.90 46.81
CA ASP H 19 -22.40 9.89 47.45
C ASP H 19 -23.33 10.65 48.41
N THR H 20 -24.42 9.99 48.81
CA THR H 20 -25.38 10.63 49.70
C THR H 20 -24.75 11.21 50.97
N ASN H 21 -25.09 12.46 51.24
CA ASN H 21 -24.61 13.20 52.40
C ASN H 21 -23.11 13.34 52.54
N LYS H 22 -22.40 13.25 51.42
CA LYS H 22 -20.95 13.37 51.43
C LYS H 22 -20.50 14.50 50.51
N SER H 23 -19.37 15.10 50.85
CA SER H 23 -18.83 16.18 50.03
C SER H 23 -17.36 15.90 49.70
N ASN H 24 -16.95 14.65 49.87
CA ASN H 24 -15.57 14.26 49.56
C ASN H 24 -15.41 14.04 48.07
N ILE H 25 -14.21 14.25 47.55
CA ILE H 25 -13.96 14.05 46.12
C ILE H 25 -13.51 12.61 45.93
N LYS H 26 -14.32 11.81 45.24
CA LYS H 26 -13.98 10.42 44.99
C LYS H 26 -12.82 10.38 43.99
N ASP H 27 -11.88 9.47 44.20
CA ASP H 27 -10.71 9.38 43.34
C ASP H 27 -10.98 9.29 41.84
N GLN H 28 -12.12 8.74 41.46
CA GLN H 28 -12.43 8.60 40.03
C GLN H 28 -12.61 9.94 39.33
N TYR H 29 -12.75 11.02 40.09
CA TYR H 29 -12.92 12.34 39.50
C TYR H 29 -11.65 13.17 39.46
N LYS H 30 -10.57 12.63 40.01
CA LYS H 30 -9.31 13.36 40.02
C LYS H 30 -8.75 13.62 38.61
N PRO H 31 -8.87 12.65 37.70
CA PRO H 31 -8.32 12.92 36.35
C PRO H 31 -8.93 14.16 35.68
N GLU H 32 -10.23 14.36 35.86
CA GLU H 32 -10.87 15.50 35.23
C GLU H 32 -10.54 16.80 35.98
N ILE H 33 -10.35 16.70 37.29
CA ILE H 33 -9.98 17.87 38.07
C ILE H 33 -8.54 18.25 37.68
N ALA H 34 -7.72 17.24 37.44
CA ALA H 34 -6.33 17.47 37.04
C ALA H 34 -6.29 18.15 35.67
N LYS H 35 -7.22 17.77 34.80
CA LYS H 35 -7.27 18.36 33.46
C LYS H 35 -7.68 19.82 33.56
N VAL H 36 -8.60 20.12 34.48
CA VAL H 36 -9.04 21.49 34.68
C VAL H 36 -7.86 22.34 35.12
N ALA H 37 -7.09 21.84 36.09
CA ALA H 37 -5.94 22.58 36.58
C ALA H 37 -4.96 22.83 35.43
N GLU H 38 -4.79 21.84 34.58
CA GLU H 38 -3.88 21.97 33.44
C GLU H 38 -4.31 23.12 32.54
N LYS H 39 -5.59 23.12 32.15
CA LYS H 39 -6.10 24.17 31.27
C LYS H 39 -6.07 25.54 31.95
N LEU H 40 -6.24 25.57 33.26
CA LEU H 40 -6.18 26.84 33.97
C LEU H 40 -4.77 27.41 33.88
N SER H 41 -3.77 26.53 33.88
CA SER H 41 -2.39 27.01 33.80
C SER H 41 -2.07 27.47 32.37
N GLU H 42 -2.70 26.83 31.40
CA GLU H 42 -2.49 27.16 29.99
C GLU H 42 -3.19 28.45 29.55
N TYR H 43 -4.25 28.80 30.27
CA TYR H 43 -5.02 30.02 30.03
C TYR H 43 -5.01 30.82 31.33
N PRO H 44 -3.92 31.55 31.59
CA PRO H 44 -3.76 32.36 32.80
C PRO H 44 -4.94 33.24 33.21
N ASN H 45 -5.68 33.77 32.24
CA ASN H 45 -6.81 34.62 32.60
C ASN H 45 -8.11 33.86 32.81
N ALA H 46 -8.08 32.54 32.64
CA ALA H 46 -9.29 31.75 32.83
C ALA H 46 -9.72 31.68 34.29
N THR H 47 -11.02 31.56 34.50
CA THR H 47 -11.57 31.45 35.84
C THR H 47 -12.59 30.33 35.82
N ALA H 48 -12.99 29.88 37.00
CA ALA H 48 -13.96 28.81 37.11
C ALA H 48 -15.08 29.20 38.05
N ARG H 49 -16.30 28.84 37.65
CA ARG H 49 -17.49 29.10 38.46
C ARG H 49 -17.91 27.70 38.91
N ILE H 50 -17.68 27.40 40.18
CA ILE H 50 -17.98 26.08 40.75
C ILE H 50 -19.32 26.12 41.49
N GLU H 51 -20.25 25.27 41.05
CA GLU H 51 -21.58 25.25 41.65
C GLU H 51 -21.94 23.87 42.18
N GLY H 52 -22.31 23.83 43.46
CA GLY H 52 -22.65 22.58 44.11
C GLY H 52 -24.14 22.36 44.24
N HIS H 53 -24.54 21.09 44.22
CA HIS H 53 -25.95 20.72 44.28
C HIS H 53 -26.20 19.47 45.12
N THR H 54 -27.46 19.22 45.44
CA THR H 54 -27.83 18.04 46.22
C THR H 54 -29.09 17.46 45.61
N ASP H 55 -29.44 16.22 45.98
CA ASP H 55 -30.71 15.70 45.49
C ASP H 55 -31.70 16.31 46.49
N ASN H 56 -32.99 16.11 46.28
CA ASN H 56 -33.98 16.75 47.16
C ASN H 56 -34.42 16.00 48.42
N THR H 57 -33.60 15.08 48.91
CA THR H 57 -33.96 14.34 50.13
C THR H 57 -33.25 14.95 51.34
N GLY H 58 -33.93 14.94 52.49
CA GLY H 58 -33.34 15.47 53.69
C GLY H 58 -33.75 16.90 54.03
N PRO H 59 -33.25 17.42 55.16
CA PRO H 59 -33.54 18.78 55.65
C PRO H 59 -33.00 19.87 54.72
N ARG H 60 -33.73 20.96 54.60
CA ARG H 60 -33.30 22.06 53.74
C ARG H 60 -31.93 22.63 54.08
N LYS H 61 -31.75 23.07 55.32
CA LYS H 61 -30.48 23.66 55.74
C LYS H 61 -29.30 22.74 55.54
N LEU H 62 -29.46 21.48 55.91
CA LEU H 62 -28.39 20.50 55.76
C LEU H 62 -27.95 20.48 54.30
N ASN H 63 -28.92 20.52 53.40
CA ASN H 63 -28.62 20.47 51.98
C ASN H 63 -28.07 21.77 51.41
N GLU H 64 -28.43 22.90 52.01
CA GLU H 64 -27.90 24.17 51.56
C GLU H 64 -26.39 24.11 51.86
N ARG H 65 -26.07 23.69 53.08
CA ARG H 65 -24.69 23.58 53.53
C ARG H 65 -23.90 22.55 52.73
N LEU H 66 -24.54 21.41 52.48
CA LEU H 66 -23.91 20.32 51.74
C LEU H 66 -23.58 20.75 50.32
N SER H 67 -24.50 21.45 49.67
CA SER H 67 -24.25 21.88 48.30
C SER H 67 -23.04 22.80 48.23
N LEU H 68 -22.92 23.71 49.19
CA LEU H 68 -21.79 24.62 49.20
C LEU H 68 -20.51 23.87 49.58
N ALA H 69 -20.63 22.95 50.53
CA ALA H 69 -19.48 22.15 50.95
C ALA H 69 -18.92 21.39 49.75
N ARG H 70 -19.82 20.89 48.90
CA ARG H 70 -19.39 20.15 47.71
C ARG H 70 -18.62 21.05 46.77
N ALA H 71 -19.14 22.24 46.51
CA ALA H 71 -18.45 23.18 45.62
C ALA H 71 -17.10 23.52 46.24
N ASN H 72 -17.08 23.78 47.54
CA ASN H 72 -15.84 24.12 48.21
C ASN H 72 -14.83 22.96 48.23
N SER H 73 -15.32 21.73 48.22
CA SER H 73 -14.44 20.58 48.23
C SER H 73 -13.68 20.52 46.90
N VAL H 74 -14.38 20.86 45.81
CA VAL H 74 -13.77 20.87 44.48
C VAL H 74 -12.74 21.99 44.42
N LYS H 75 -13.10 23.15 44.95
CA LYS H 75 -12.16 24.27 44.94
C LYS H 75 -10.91 23.89 45.74
N SER H 76 -11.12 23.28 46.90
CA SER H 76 -10.01 22.88 47.75
C SER H 76 -9.08 21.89 47.06
N ALA H 77 -9.65 20.97 46.28
CA ALA H 77 -8.82 20.00 45.58
C ALA H 77 -7.92 20.73 44.58
N LEU H 78 -8.52 21.64 43.82
CA LEU H 78 -7.78 22.41 42.82
C LEU H 78 -6.65 23.23 43.44
N VAL H 79 -6.94 23.87 44.58
CA VAL H 79 -5.96 24.69 45.24
C VAL H 79 -4.87 23.89 45.97
N ASN H 80 -5.28 22.96 46.82
CA ASN H 80 -4.33 22.17 47.60
C ASN H 80 -3.59 21.08 46.87
N GLU H 81 -4.26 20.42 45.93
CA GLU H 81 -3.65 19.32 45.20
C GLU H 81 -3.07 19.67 43.84
N TYR H 82 -3.62 20.69 43.19
CA TYR H 82 -3.16 21.05 41.85
C TYR H 82 -2.57 22.44 41.72
N ASN H 83 -2.26 23.06 42.85
CA ASN H 83 -1.64 24.38 42.88
C ASN H 83 -2.34 25.49 42.10
N VAL H 84 -3.67 25.46 42.06
CA VAL H 84 -4.42 26.49 41.35
C VAL H 84 -4.64 27.69 42.26
N ASP H 85 -4.57 28.88 41.67
CA ASP H 85 -4.77 30.15 42.39
C ASP H 85 -6.22 30.20 42.86
N ALA H 86 -6.43 30.18 44.18
CA ALA H 86 -7.78 30.21 44.74
C ALA H 86 -8.62 31.40 44.27
N SER H 87 -7.98 32.52 43.97
CA SER H 87 -8.69 33.71 43.53
C SER H 87 -9.35 33.58 42.16
N ARG H 88 -9.02 32.52 41.44
CA ARG H 88 -9.58 32.31 40.09
C ARG H 88 -10.80 31.41 40.17
N LEU H 89 -11.16 30.99 41.38
CA LEU H 89 -12.28 30.07 41.57
C LEU H 89 -13.38 30.59 42.48
N SER H 90 -14.62 30.52 42.02
CA SER H 90 -15.76 30.95 42.84
C SER H 90 -16.57 29.72 43.20
N THR H 91 -17.22 29.76 44.35
CA THR H 91 -18.05 28.64 44.78
C THR H 91 -19.43 29.11 45.22
N GLN H 92 -20.43 28.28 44.97
CA GLN H 92 -21.79 28.59 45.36
C GLN H 92 -22.58 27.29 45.45
N GLY H 93 -23.48 27.22 46.41
CA GLY H 93 -24.32 26.04 46.59
C GLY H 93 -25.75 26.39 46.24
N PHE H 94 -26.47 25.46 45.65
CA PHE H 94 -27.86 25.69 45.25
C PHE H 94 -28.82 24.70 45.88
N ALA H 95 -28.37 23.98 46.89
CA ALA H 95 -29.20 22.97 47.52
C ALA H 95 -29.75 22.10 46.41
N TRP H 96 -31.06 21.80 46.47
CA TRP H 96 -31.71 20.97 45.48
C TRP H 96 -32.56 21.80 44.50
N ASP H 97 -32.31 23.10 44.44
CA ASP H 97 -33.08 23.99 43.58
C ASP H 97 -32.87 23.90 42.07
N GLN H 98 -31.77 23.30 41.64
CA GLN H 98 -31.49 23.19 40.20
C GLN H 98 -31.21 21.76 39.81
N PRO H 99 -32.24 20.90 39.85
CA PRO H 99 -32.05 19.50 39.48
C PRO H 99 -31.82 19.33 37.99
N ILE H 100 -31.07 18.30 37.61
CA ILE H 100 -30.82 18.04 36.19
C ILE H 100 -31.40 16.68 35.86
N ALA H 101 -31.91 16.00 36.89
CA ALA H 101 -32.49 14.69 36.74
C ALA H 101 -33.67 14.52 37.69
N ASP H 102 -34.44 13.46 37.48
CA ASP H 102 -35.60 13.17 38.29
C ASP H 102 -35.24 12.61 39.66
N ASN H 103 -35.65 13.32 40.72
CA ASN H 103 -35.36 12.88 42.08
C ASN H 103 -36.20 11.67 42.47
N LYS H 104 -37.19 11.35 41.65
CA LYS H 104 -38.07 10.23 41.92
C LYS H 104 -37.38 8.88 41.71
N THR H 105 -36.22 8.91 41.05
CA THR H 105 -35.47 7.67 40.81
C THR H 105 -34.09 7.73 41.46
N LYS H 106 -33.57 6.55 41.80
CA LYS H 106 -32.28 6.45 42.44
C LYS H 106 -31.19 7.01 41.53
N GLU H 107 -31.30 6.74 40.24
CA GLU H 107 -30.34 7.23 39.26
C GLU H 107 -30.41 8.75 39.12
N GLY H 108 -31.63 9.28 39.18
CA GLY H 108 -31.81 10.72 39.06
C GLY H 108 -31.20 11.47 40.22
N ARG H 109 -31.44 10.98 41.43
CA ARG H 109 -30.89 11.61 42.62
C ARG H 109 -29.36 11.59 42.55
N ALA H 110 -28.82 10.50 42.04
CA ALA H 110 -27.38 10.37 41.91
C ALA H 110 -26.84 11.45 40.98
N MET H 111 -27.58 11.72 39.91
CA MET H 111 -27.18 12.75 38.95
C MET H 111 -27.24 14.14 39.56
N ASN H 112 -28.15 14.33 40.50
CA ASN H 112 -28.32 15.63 41.15
C ASN H 112 -27.28 15.94 42.21
N ARG H 113 -26.70 14.92 42.83
CA ARG H 113 -25.67 15.11 43.85
C ARG H 113 -24.40 15.41 43.06
N ARG H 114 -24.20 16.66 42.72
CA ARG H 114 -23.08 17.02 41.88
C ARG H 114 -22.53 18.42 42.07
N VAL H 115 -21.39 18.64 41.43
CA VAL H 115 -20.76 19.93 41.38
C VAL H 115 -20.47 20.11 39.90
N PHE H 116 -20.95 21.19 39.34
CA PHE H 116 -20.70 21.48 37.94
C PHE H 116 -19.85 22.74 37.94
N ALA H 117 -18.72 22.69 37.27
CA ALA H 117 -17.83 23.83 37.19
C ALA H 117 -17.73 24.29 35.76
N THR H 118 -17.85 25.60 35.56
CA THR H 118 -17.73 26.17 34.22
C THR H 118 -16.43 26.95 34.19
N ILE H 119 -15.56 26.57 33.26
CA ILE H 119 -14.27 27.22 33.12
C ILE H 119 -14.24 27.96 31.79
N THR H 120 -13.87 29.23 31.83
CA THR H 120 -13.79 30.04 30.62
C THR H 120 -12.55 30.90 30.64
N GLY H 121 -11.93 31.05 29.47
CA GLY H 121 -10.73 31.87 29.38
C GLY H 121 -10.35 32.05 27.93
N SER H 122 -9.32 32.86 27.68
CA SER H 122 -8.87 33.10 26.32
C SER H 122 -7.41 33.55 26.37
N ARG H 123 -6.70 33.34 25.26
CA ARG H 123 -5.31 33.75 25.19
C ARG H 123 -4.96 34.15 23.75
N ALA I . -4.24 17.53 -9.52
CA ALA I . -5.28 16.70 -8.84
C ALA I . -5.36 15.30 -9.44
O ALA I . -4.56 15.00 -10.35
CB ALA I . -6.64 17.38 -8.94
OXT ALA I . -6.21 14.51 -8.98
S SO4 J . -12.08 18.56 -12.80
O1 SO4 J . -10.74 18.23 -13.34
O2 SO4 J . -13.03 17.48 -13.17
O3 SO4 J . -12.01 18.67 -11.34
O4 SO4 J . -12.54 19.84 -13.36
N ALA K . -9.35 -13.39 47.55
CA ALA K . -8.10 -13.70 46.79
C ALA K . -8.20 -13.19 45.36
O ALA K . -9.16 -12.43 45.07
CB ALA K . -7.88 -15.21 46.77
OXT ALA K . -7.32 -13.53 44.56
S SO4 L . -10.37 -21.09 43.65
O1 SO4 L . -11.15 -19.84 43.57
O2 SO4 L . -11.12 -22.09 44.44
O3 SO4 L . -10.13 -21.62 42.29
O4 SO4 L . -9.08 -20.82 44.31
N ALA M . 27.66 -35.70 -45.93
CA ALA M . 26.97 -36.83 -45.25
C ALA M . 26.14 -36.33 -44.08
O ALA M . 26.06 -35.11 -43.88
CB ALA M . 28.01 -37.84 -44.77
OXT ALA M . 25.59 -37.19 -43.36
S SO4 N . 32.42 -39.21 -39.71
O1 SO4 N . 32.05 -37.80 -39.90
O2 SO4 N . 31.72 -39.75 -38.52
O3 SO4 N . 32.01 -39.99 -40.89
O4 SO4 N . 33.87 -39.32 -39.53
N ALA O . -37.10 33.48 0.68
CA ALA O . -35.99 33.55 -0.30
C ALA O . -34.76 32.81 0.24
O ALA O . -34.90 32.14 1.28
CB ALA O . -35.63 35.00 -0.58
OXT ALA O . -33.68 32.92 -0.38
S SO4 P . -32.55 40.73 2.02
O1 SO4 P . -33.08 40.84 0.65
O2 SO4 P . -32.92 41.94 2.78
O3 SO4 P . -33.13 39.55 2.68
O4 SO4 P . -31.08 40.61 1.97
N ALA Q . -5.15 45.34 -10.66
CA ALA Q . -3.74 44.85 -10.60
C ALA Q . -3.43 44.29 -9.22
O ALA Q . -4.37 44.16 -8.41
CB ALA Q . -2.78 45.99 -10.93
OXT ALA Q . -2.24 44.01 -8.95
S SO4 R . 0.14 51.55 -8.53
O1 SO4 R . -0.07 52.94 -9.01
O2 SO4 R . -1.08 51.06 -7.88
O3 SO4 R . 0.49 50.69 -9.67
O4 SO4 R . 1.26 51.54 -7.56
N ALA S . 23.18 -60.00 -20.50
CA ALA S . 22.31 -60.14 -19.30
C ALA S . 22.23 -58.83 -18.54
O ALA S . 22.79 -57.82 -19.03
CB ALA S . 22.85 -61.24 -18.39
OXT ALA S . 21.62 -58.82 -17.45
S SO4 T . 27.78 -62.50 -13.48
O1 SO4 T . 27.84 -61.97 -12.10
O2 SO4 T . 28.90 -63.45 -13.68
O3 SO4 T . 26.50 -63.18 -13.69
O4 SO4 T . 27.93 -61.38 -14.44
N ALA U . 29.81 10.81 -22.94
CA ALA U . 28.81 11.24 -21.93
C ALA U . 27.92 10.06 -21.51
O ALA U . 28.20 8.92 -21.94
CB ALA U . 27.94 12.35 -22.50
OXT ALA U . 26.96 10.30 -20.76
S SO4 V . 22.41 13.70 -26.38
O1 SO4 V . 22.37 14.59 -27.55
O2 SO4 V . 23.04 14.41 -25.24
O3 SO4 V . 21.04 13.31 -26.00
O4 SO4 V . 23.20 12.49 -26.71
N ALA W . -29.80 15.22 49.83
CA ALA W . -28.55 14.50 50.23
C ALA W . -27.48 14.62 49.16
O ALA W . -27.69 15.35 48.17
CB ALA W . -28.85 13.05 50.51
OXT ALA W . -26.43 13.95 49.33
S SO4 X . -30.26 6.87 47.06
O1 SO4 X . -30.50 8.10 46.28
O2 SO4 X . -29.85 7.23 48.43
O3 SO4 X . -31.50 6.07 47.11
O4 SO4 X . -29.19 6.08 46.42
#